data_3LX4
#
_entry.id   3LX4
#
_cell.length_a   70.895
_cell.length_b   70.895
_cell.length_c   155.429
_cell.angle_alpha   90.000
_cell.angle_beta   90.000
_cell.angle_gamma   120.000
#
_symmetry.space_group_name_H-M   'P 32'
#
loop_
_entity.id
_entity.type
_entity.pdbx_description
1 polymer Fe-hydrogenase
2 non-polymer 'IRON/SULFUR CLUSTER'
3 non-polymer 'CHLORIDE ION'
4 non-polymer 'ACETATE ION'
5 water water
#
_entity_poly.entity_id   1
_entity_poly.type   'polypeptide(L)'
_entity_poly.pdbx_seq_one_letter_code
;MGSSHHHHHHSQDPNSAAPAAEAPLSHVQQALAELAKPKDDPTRKHVCVQVAPAVRVAIAETLGLAPGATTPKQLAEGLR
RLGFDEVFDTLFGADLTIMEEGSELLHRLTEHLEAHPHSDEPLPMFTSCCPGWIAMLEKSYPDLIPYVSSCKSPQMMLAA
MVKSYLAEKKGIAPKDMVMVSIMPCTRKQSEADRDWFCVDADPTLRQLDHVITTVELGNIFKERGINLAELPEGEWDNPM
GVGSGAGVLFGTTGGVMEAALRTAYELFTGTPLPRLSLSEVRGMDGIKETNITMVPAPGSKFEELLKHRAAARAEAAAHG
TPGPLAWDGGAGFTSEDGRGGITLRVAVANGLGNAKKLITKMQAGEAKYDFVEIMACPAGCVGGGGQPRSTDKAITQKRQ
AALYNLDEKSTLRRSHENPSIRELYDTYLGEPLGHKAHELLHTHYVAGGVEEKDEKK
;
_entity_poly.pdbx_strand_id   A,B
#
loop_
_chem_comp.id
_chem_comp.type
_chem_comp.name
_chem_comp.formula
ACT non-polymer 'ACETATE ION' 'C2 H3 O2 -1'
CL non-polymer 'CHLORIDE ION' 'Cl -1'
SF4 non-polymer 'IRON/SULFUR CLUSTER' 'Fe4 S4'
#
# COMPACT_ATOMS: atom_id res chain seq x y z
N LEU A 25 28.34 7.09 -35.90
CA LEU A 25 27.06 6.39 -35.59
C LEU A 25 26.43 6.93 -34.31
N SER A 26 25.16 7.32 -34.38
CA SER A 26 24.44 7.76 -33.20
C SER A 26 24.25 6.59 -32.24
N HIS A 27 23.88 6.87 -31.00
CA HIS A 27 23.60 5.81 -30.05
C HIS A 27 22.41 4.94 -30.48
N VAL A 28 21.42 5.55 -31.12
CA VAL A 28 20.31 4.79 -31.68
C VAL A 28 20.82 3.78 -32.71
N GLN A 29 21.68 4.24 -33.61
CA GLN A 29 22.24 3.37 -34.64
C GLN A 29 23.08 2.25 -34.04
N GLN A 30 23.92 2.57 -33.06
CA GLN A 30 24.74 1.54 -32.43
C GLN A 30 23.87 0.44 -31.80
N ALA A 31 22.88 0.86 -31.03
CA ALA A 31 21.93 -0.06 -30.42
C ALA A 31 21.22 -0.93 -31.46
N LEU A 32 20.72 -0.31 -32.53
CA LEU A 32 19.98 -1.07 -33.54
C LEU A 32 20.88 -2.07 -34.26
N ALA A 33 22.14 -1.71 -34.45
CA ALA A 33 23.11 -2.61 -35.08
C ALA A 33 23.32 -3.86 -34.23
N GLU A 34 23.40 -3.69 -32.91
CA GLU A 34 23.56 -4.84 -32.02
C GLU A 34 22.36 -5.76 -32.10
N LEU A 35 21.17 -5.17 -32.17
CA LEU A 35 19.92 -5.92 -32.26
C LEU A 35 19.71 -6.57 -33.63
N ALA A 36 20.39 -6.06 -34.64
CA ALA A 36 20.25 -6.56 -36.01
C ALA A 36 20.94 -7.91 -36.18
N LYS A 37 21.92 -8.20 -35.34
CA LYS A 37 22.60 -9.49 -35.37
C LYS A 37 21.63 -10.59 -34.95
N PRO A 38 21.54 -11.67 -35.76
CA PRO A 38 20.70 -12.78 -35.37
C PRO A 38 21.16 -13.29 -34.01
N LYS A 39 20.23 -13.80 -33.22
CA LYS A 39 20.55 -14.23 -31.87
C LYS A 39 21.57 -15.36 -31.84
N ASP A 40 21.68 -16.10 -32.95
CA ASP A 40 22.64 -17.20 -33.04
C ASP A 40 23.98 -16.80 -33.67
N ASP A 41 24.10 -15.53 -34.05
CA ASP A 41 25.35 -14.99 -34.60
C ASP A 41 26.41 -15.08 -33.50
N PRO A 42 27.59 -15.63 -33.85
CA PRO A 42 28.66 -15.79 -32.86
C PRO A 42 29.15 -14.45 -32.28
N THR A 43 28.94 -13.35 -33.00
CA THR A 43 29.35 -12.04 -32.50
C THR A 43 28.19 -11.29 -31.83
N ARG A 44 27.04 -11.94 -31.71
CA ARG A 44 25.87 -11.35 -31.05
C ARG A 44 26.11 -11.17 -29.56
N LYS A 45 25.83 -9.97 -29.05
CA LYS A 45 25.93 -9.70 -27.62
C LYS A 45 24.57 -9.85 -26.97
N HIS A 46 24.56 -9.98 -25.65
CA HIS A 46 23.32 -9.91 -24.89
C HIS A 46 22.92 -8.45 -24.86
N VAL A 47 21.70 -8.16 -25.29
CA VAL A 47 21.25 -6.78 -25.33
C VAL A 47 20.00 -6.64 -24.48
N CYS A 48 20.05 -5.75 -23.50
CA CYS A 48 18.90 -5.55 -22.63
C CYS A 48 18.48 -4.09 -22.64
N VAL A 49 17.25 -3.84 -22.18
CA VAL A 49 16.70 -2.51 -22.17
C VAL A 49 16.03 -2.25 -20.82
N GLN A 50 16.08 -0.99 -20.38
CA GLN A 50 15.31 -0.57 -19.22
C GLN A 50 14.47 0.64 -19.64
N VAL A 51 13.27 0.74 -19.08
CA VAL A 51 12.34 1.79 -19.51
C VAL A 51 11.80 2.60 -18.34
N ALA A 52 11.83 3.92 -18.49
CA ALA A 52 11.33 4.85 -17.48
C ALA A 52 9.81 4.95 -17.53
N PRO A 53 9.16 5.12 -16.37
CA PRO A 53 7.71 5.34 -16.32
C PRO A 53 7.22 6.50 -17.22
N ALA A 54 7.97 7.60 -17.26
CA ALA A 54 7.59 8.74 -18.09
C ALA A 54 7.54 8.40 -19.59
N VAL A 55 8.42 7.50 -20.03
CA VAL A 55 8.36 6.98 -21.39
C VAL A 55 7.10 6.14 -21.60
N ARG A 56 6.82 5.25 -20.66
CA ARG A 56 5.70 4.32 -20.82
CA ARG A 56 5.68 4.32 -20.76
C ARG A 56 4.36 5.04 -20.99
N VAL A 57 4.17 6.14 -20.27
CA VAL A 57 2.91 6.88 -20.36
C VAL A 57 2.81 7.73 -21.64
N ALA A 58 3.96 8.20 -22.14
CA ALA A 58 3.98 9.12 -23.28
C ALA A 58 4.11 8.44 -24.63
N ILE A 59 4.61 7.21 -24.65
CA ILE A 59 4.87 6.54 -25.92
C ILE A 59 3.61 6.39 -26.80
N ALA A 60 2.44 6.24 -26.18
CA ALA A 60 1.18 6.16 -26.94
C ALA A 60 0.97 7.40 -27.84
N GLU A 61 1.44 8.56 -27.38
CA GLU A 61 1.32 9.79 -28.15
C GLU A 61 2.03 9.72 -29.49
N THR A 62 3.08 8.91 -29.60
CA THR A 62 3.82 8.82 -30.86
C THR A 62 2.95 8.19 -31.96
N LEU A 63 1.85 7.59 -31.56
CA LEU A 63 0.85 7.04 -32.48
C LEU A 63 -0.37 7.95 -32.60
N GLY A 64 -0.29 9.15 -32.03
CA GLY A 64 -1.42 10.07 -32.06
C GLY A 64 -2.52 9.70 -31.08
N LEU A 65 -2.17 8.95 -30.04
CA LEU A 65 -3.16 8.58 -29.04
C LEU A 65 -2.92 9.35 -27.74
N ALA A 66 -3.82 9.16 -26.78
CA ALA A 66 -3.74 9.81 -25.48
C ALA A 66 -2.65 9.20 -24.62
N PRO A 67 -2.05 10.01 -23.73
CA PRO A 67 -1.11 9.45 -22.76
C PRO A 67 -1.72 8.27 -22.02
N GLY A 68 -0.96 7.19 -21.90
CA GLY A 68 -1.43 5.98 -21.23
C GLY A 68 -2.36 5.11 -22.05
N ALA A 69 -2.54 5.40 -23.33
CA ALA A 69 -3.45 4.61 -24.18
C ALA A 69 -2.88 3.23 -24.53
N THR A 70 -1.57 3.07 -24.33
CA THR A 70 -0.93 1.76 -24.48
C THR A 70 -0.43 1.31 -23.11
N THR A 71 -0.50 0.01 -22.86
CA THR A 71 -0.18 -0.53 -21.54
C THR A 71 1.32 -0.78 -21.36
N PRO A 72 1.78 -0.85 -20.11
CA PRO A 72 3.17 -1.21 -19.85
C PRO A 72 3.60 -2.48 -20.57
N LYS A 73 2.74 -3.52 -20.54
CA LYS A 73 3.12 -4.81 -21.13
C LYS A 73 3.09 -4.84 -22.65
N GLN A 74 2.27 -4.00 -23.27
CA GLN A 74 2.33 -3.79 -24.71
C GLN A 74 3.70 -3.21 -25.11
N LEU A 75 4.18 -2.27 -24.32
CA LEU A 75 5.51 -1.69 -24.56
C LEU A 75 6.60 -2.76 -24.37
N ALA A 76 6.48 -3.56 -23.32
CA ALA A 76 7.44 -4.66 -23.12
C ALA A 76 7.45 -5.61 -24.32
N GLU A 77 6.27 -5.96 -24.84
CA GLU A 77 6.17 -6.79 -26.05
C GLU A 77 6.86 -6.12 -27.23
N GLY A 78 6.53 -4.85 -27.46
CA GLY A 78 7.16 -4.08 -28.53
C GLY A 78 8.68 -4.08 -28.48
N LEU A 79 9.24 -3.89 -27.29
CA LEU A 79 10.70 -3.92 -27.14
C LEU A 79 11.29 -5.29 -27.42
N ARG A 80 10.60 -6.33 -26.96
CA ARG A 80 11.05 -7.68 -27.23
C ARG A 80 11.08 -7.97 -28.73
N ARG A 81 10.10 -7.41 -29.46
CA ARG A 81 10.03 -7.59 -30.90
C ARG A 81 11.17 -6.89 -31.65
N LEU A 82 11.82 -5.93 -30.99
CA LEU A 82 13.01 -5.28 -31.56
C LEU A 82 14.26 -6.15 -31.38
N GLY A 83 14.15 -7.19 -30.56
CA GLY A 83 15.25 -8.14 -30.40
C GLY A 83 15.96 -8.07 -29.06
N PHE A 84 15.42 -7.30 -28.13
CA PHE A 84 16.00 -7.22 -26.79
C PHE A 84 15.87 -8.56 -26.05
N ASP A 85 16.97 -8.98 -25.44
CA ASP A 85 17.03 -10.25 -24.70
C ASP A 85 16.36 -10.13 -23.33
N GLU A 86 16.51 -8.99 -22.67
CA GLU A 86 15.79 -8.72 -21.42
C GLU A 86 15.15 -7.35 -21.49
N VAL A 87 13.98 -7.23 -20.89
CA VAL A 87 13.26 -5.96 -20.84
C VAL A 87 12.96 -5.63 -19.38
N PHE A 88 13.58 -4.55 -18.88
CA PHE A 88 13.51 -4.18 -17.46
C PHE A 88 12.71 -2.89 -17.22
N ASP A 89 12.14 -2.80 -16.02
CA ASP A 89 11.48 -1.59 -15.54
C ASP A 89 12.48 -0.78 -14.71
N THR A 90 12.74 0.46 -15.12
CA THR A 90 13.65 1.33 -14.38
C THR A 90 13.20 1.52 -12.93
N LEU A 91 11.93 1.26 -12.63
CA LEU A 91 11.47 1.35 -11.24
C LEU A 91 12.25 0.43 -10.29
N PHE A 92 12.87 -0.64 -10.85
CA PHE A 92 13.70 -1.52 -10.02
C PHE A 92 14.93 -0.75 -9.55
N GLY A 93 15.53 -0.01 -10.49
CA GLY A 93 16.66 0.88 -10.17
C GLY A 93 16.24 1.94 -9.16
N ALA A 94 15.05 2.48 -9.32
CA ALA A 94 14.53 3.48 -8.37
C ALA A 94 14.37 2.93 -6.95
N ASP A 95 14.03 1.64 -6.83
CA ASP A 95 13.97 1.01 -5.51
C ASP A 95 15.37 1.04 -4.88
N LEU A 96 16.39 0.78 -5.69
CA LEU A 96 17.78 0.91 -5.23
C LEU A 96 18.11 2.34 -4.79
N THR A 97 17.68 3.34 -5.57
CA THR A 97 17.95 4.74 -5.22
C THR A 97 17.26 5.15 -3.92
N ILE A 98 16.02 4.68 -3.75
CA ILE A 98 15.28 4.93 -2.53
C ILE A 98 16.00 4.31 -1.32
N MET A 99 16.49 3.08 -1.47
CA MET A 99 17.24 2.42 -0.39
C MET A 99 18.46 3.24 0.01
N GLU A 100 19.28 3.61 -0.96
CA GLU A 100 20.53 4.33 -0.69
C GLU A 100 20.28 5.76 -0.24
N GLU A 101 19.37 6.46 -0.91
CA GLU A 101 19.16 7.87 -0.59
C GLU A 101 18.39 8.08 0.71
N GLY A 102 17.46 7.18 1.00
CA GLY A 102 16.76 7.20 2.29
C GLY A 102 17.77 6.99 3.41
N SER A 103 18.70 6.06 3.20
CA SER A 103 19.72 5.78 4.21
C SER A 103 20.71 6.96 4.33
N GLU A 104 21.09 7.54 3.19
CA GLU A 104 22.02 8.66 3.20
C GLU A 104 21.44 9.85 3.97
N LEU A 105 20.17 10.19 3.69
CA LEU A 105 19.48 11.26 4.40
C LEU A 105 19.45 11.03 5.91
N LEU A 106 19.11 9.81 6.30
CA LEU A 106 19.02 9.48 7.73
C LEU A 106 20.41 9.53 8.38
N HIS A 107 21.41 9.09 7.64
CA HIS A 107 22.79 9.14 8.13
C HIS A 107 23.23 10.57 8.35
N ARG A 108 22.96 11.45 7.39
CA ARG A 108 23.33 12.86 7.52
C ARG A 108 22.59 13.51 8.69
N LEU A 109 21.34 13.12 8.88
CA LEU A 109 20.54 13.65 9.97
C LEU A 109 21.10 13.19 11.32
N THR A 110 21.44 11.91 11.42
CA THR A 110 21.99 11.34 12.65
C THR A 110 23.30 12.03 13.05
N GLU A 111 24.21 12.20 12.08
CA GLU A 111 25.49 12.81 12.35
C GLU A 111 25.30 14.23 12.86
N HIS A 112 24.34 14.93 12.27
CA HIS A 112 24.06 16.31 12.67
C HIS A 112 23.37 16.41 14.03
N LEU A 113 22.57 15.40 14.37
CA LEU A 113 21.93 15.36 15.69
C LEU A 113 22.91 15.04 16.80
N GLU A 114 23.94 14.26 16.51
CA GLU A 114 24.95 13.93 17.52
C GLU A 114 26.09 14.95 17.53
N ALA A 115 25.96 15.98 16.69
CA ALA A 115 26.98 17.02 16.57
C ALA A 115 28.34 16.45 16.17
N GLU A 121 29.81 15.46 4.48
CA GLU A 121 28.40 15.19 4.17
C GLU A 121 27.45 16.06 5.02
N PRO A 122 27.42 17.37 4.72
CA PRO A 122 26.62 18.33 5.47
C PRO A 122 25.15 18.35 5.06
N LEU A 123 24.35 19.08 5.84
CA LEU A 123 22.99 19.44 5.47
C LEU A 123 23.00 20.92 5.14
N PRO A 124 22.07 21.38 4.27
CA PRO A 124 21.03 20.60 3.59
C PRO A 124 21.57 19.61 2.56
N MET A 125 20.76 18.62 2.22
CA MET A 125 21.10 17.66 1.18
C MET A 125 20.29 17.95 -0.09
N PHE A 126 20.97 17.85 -1.24
CA PHE A 126 20.30 17.99 -2.53
C PHE A 126 20.24 16.61 -3.20
N THR A 127 19.13 16.33 -3.89
CA THR A 127 19.02 15.11 -4.69
C THR A 127 19.96 15.19 -5.90
N SER A 128 20.17 14.07 -6.59
CA SER A 128 21.19 14.01 -7.63
C SER A 128 20.75 13.31 -8.90
N CYS A 129 19.44 13.13 -9.09
CA CYS A 129 18.97 12.30 -10.19
CA CYS A 129 18.92 12.31 -10.18
CA CYS A 129 18.92 12.31 -10.18
C CYS A 129 18.86 13.03 -11.53
N CYS A 130 18.68 14.35 -11.49
CA CYS A 130 18.60 15.13 -12.74
C CYS A 130 19.98 15.58 -13.22
N PRO A 131 20.42 15.06 -14.39
CA PRO A 131 21.73 15.44 -14.94
C PRO A 131 21.83 16.92 -15.33
N GLY A 132 20.69 17.56 -15.57
CA GLY A 132 20.65 19.00 -15.85
C GLY A 132 21.08 19.79 -14.61
N TRP A 133 20.57 19.36 -13.46
CA TRP A 133 21.00 19.94 -12.18
C TRP A 133 22.47 19.65 -11.90
N ILE A 134 22.87 18.39 -12.06
CA ILE A 134 24.28 18.03 -11.84
C ILE A 134 25.23 18.85 -12.71
N ALA A 135 24.85 19.12 -13.96
CA ALA A 135 25.70 19.93 -14.85
C ALA A 135 25.84 21.38 -14.36
N MET A 136 24.72 21.98 -13.95
CA MET A 136 24.75 23.34 -13.42
C MET A 136 25.50 23.40 -12.10
N LEU A 137 25.29 22.39 -11.26
CA LEU A 137 26.02 22.26 -10.01
C LEU A 137 27.53 22.31 -10.22
N GLU A 138 28.03 21.51 -11.15
CA GLU A 138 29.47 21.38 -11.34
C GLU A 138 30.08 22.63 -11.96
N LYS A 139 29.34 23.24 -12.88
CA LYS A 139 29.86 24.41 -13.60
C LYS A 139 29.65 25.71 -12.82
N SER A 140 28.46 25.90 -12.25
CA SER A 140 28.09 27.18 -11.65
C SER A 140 28.11 27.22 -10.11
N TYR A 141 28.02 26.06 -9.47
CA TYR A 141 27.96 25.99 -8.00
C TYR A 141 28.86 24.91 -7.42
N PRO A 142 30.15 24.90 -7.82
CA PRO A 142 31.01 23.82 -7.36
C PRO A 142 31.18 23.77 -5.84
N ASP A 143 30.88 24.88 -5.15
CA ASP A 143 30.99 24.94 -3.70
CA ASP A 143 31.01 24.91 -3.70
C ASP A 143 29.85 24.18 -3.01
N LEU A 144 28.81 23.86 -3.77
CA LEU A 144 27.67 23.13 -3.21
C LEU A 144 27.83 21.61 -3.36
N ILE A 145 28.93 21.19 -3.98
CA ILE A 145 29.14 19.77 -4.25
C ILE A 145 29.00 18.87 -3.01
N PRO A 146 29.61 19.26 -1.87
CA PRO A 146 29.52 18.41 -0.67
C PRO A 146 28.08 18.18 -0.17
N TYR A 147 27.16 19.08 -0.52
CA TYR A 147 25.78 19.00 -0.05
C TYR A 147 24.95 18.06 -0.92
N VAL A 148 25.45 17.73 -2.11
CA VAL A 148 24.68 16.90 -3.03
C VAL A 148 24.79 15.42 -2.68
N SER A 149 23.65 14.72 -2.74
CA SER A 149 23.61 13.27 -2.53
C SER A 149 24.65 12.56 -3.40
N SER A 150 25.34 11.58 -2.84
CA SER A 150 26.29 10.79 -3.61
C SER A 150 25.62 9.66 -4.40
N CYS A 151 24.30 9.59 -4.37
CA CYS A 151 23.60 8.53 -5.11
C CYS A 151 23.66 8.72 -6.61
N LYS A 152 23.82 7.62 -7.32
CA LYS A 152 23.58 7.59 -8.76
C LYS A 152 22.07 7.59 -9.02
N SER A 153 21.69 7.85 -10.27
CA SER A 153 20.29 7.84 -10.66
C SER A 153 19.74 6.40 -10.71
N PRO A 154 18.41 6.26 -10.69
CA PRO A 154 17.78 4.96 -10.91
C PRO A 154 18.33 4.20 -12.13
N GLN A 155 18.45 4.85 -13.29
CA GLN A 155 18.94 4.16 -14.48
C GLN A 155 20.38 3.67 -14.29
N MET A 156 21.21 4.49 -13.66
CA MET A 156 22.62 4.12 -13.45
C MET A 156 22.81 3.06 -12.38
N MET A 157 21.94 3.09 -11.36
CA MET A 157 21.94 2.02 -10.37
C MET A 157 21.51 0.67 -10.97
N LEU A 158 20.44 0.66 -11.77
CA LEU A 158 20.02 -0.57 -12.42
C LEU A 158 21.10 -1.08 -13.39
N ALA A 159 21.71 -0.17 -14.15
CA ALA A 159 22.76 -0.56 -15.09
C ALA A 159 23.99 -1.15 -14.40
N ALA A 160 24.43 -0.53 -13.30
CA ALA A 160 25.56 -1.03 -12.54
C ALA A 160 25.26 -2.43 -11.98
N MET A 161 24.02 -2.60 -11.53
CA MET A 161 23.56 -3.87 -10.99
C MET A 161 23.58 -4.99 -12.03
N VAL A 162 23.07 -4.73 -13.24
CA VAL A 162 23.00 -5.78 -14.25
C VAL A 162 24.37 -6.20 -14.81
N LYS A 163 25.30 -5.25 -14.88
CA LYS A 163 26.64 -5.55 -15.41
C LYS A 163 27.56 -6.17 -14.36
N SER A 164 27.08 -6.21 -13.10
CA SER A 164 27.84 -6.83 -12.02
C SER A 164 27.11 -8.06 -11.51
N TYR A 165 26.08 -7.84 -10.67
CA TYR A 165 25.29 -8.95 -10.12
C TYR A 165 24.73 -9.93 -11.16
N LEU A 166 23.93 -9.42 -12.09
CA LEU A 166 23.26 -10.29 -13.06
C LEU A 166 24.27 -10.98 -14.00
N ALA A 167 25.28 -10.24 -14.45
CA ALA A 167 26.35 -10.82 -15.24
C ALA A 167 26.97 -12.05 -14.54
N GLU A 168 27.32 -11.88 -13.26
CA GLU A 168 27.90 -12.97 -12.48
C GLU A 168 26.95 -14.14 -12.36
N LYS A 169 25.68 -13.85 -12.07
CA LYS A 169 24.67 -14.88 -11.91
C LYS A 169 24.49 -15.73 -13.16
N LYS A 170 24.51 -15.08 -14.32
CA LYS A 170 24.23 -15.77 -15.59
C LYS A 170 25.48 -16.34 -16.23
N GLY A 171 26.65 -16.08 -15.63
CA GLY A 171 27.93 -16.51 -16.20
C GLY A 171 28.24 -15.80 -17.51
N ILE A 172 27.85 -14.53 -17.60
CA ILE A 172 28.09 -13.73 -18.80
C ILE A 172 29.11 -12.65 -18.51
N ALA A 173 30.14 -12.56 -19.35
CA ALA A 173 31.12 -11.48 -19.21
C ALA A 173 30.48 -10.14 -19.58
N PRO A 174 30.68 -9.10 -18.76
CA PRO A 174 30.17 -7.75 -19.02
C PRO A 174 30.49 -7.24 -20.43
N LYS A 175 31.64 -7.61 -20.98
CA LYS A 175 32.01 -7.20 -22.33
C LYS A 175 31.04 -7.70 -23.39
N ASP A 176 30.31 -8.78 -23.06
CA ASP A 176 29.34 -9.35 -24.00
C ASP A 176 27.91 -8.88 -23.73
N MET A 177 27.80 -7.75 -23.03
CA MET A 177 26.51 -7.22 -22.60
C MET A 177 26.36 -5.77 -23.03
N VAL A 178 25.25 -5.45 -23.68
CA VAL A 178 24.94 -4.08 -24.06
C VAL A 178 23.67 -3.68 -23.33
N MET A 179 23.71 -2.57 -22.60
CA MET A 179 22.46 -2.07 -22.02
C MET A 179 21.99 -0.78 -22.64
N VAL A 180 20.68 -0.72 -22.92
CA VAL A 180 20.05 0.46 -23.47
C VAL A 180 19.01 0.93 -22.45
N SER A 181 18.87 2.25 -22.31
CA SER A 181 17.74 2.78 -21.55
C SER A 181 16.89 3.68 -22.41
N ILE A 182 15.57 3.61 -22.22
CA ILE A 182 14.65 4.54 -22.85
C ILE A 182 14.25 5.58 -21.82
N MET A 183 14.47 6.86 -22.15
CA MET A 183 14.29 7.96 -21.23
C MET A 183 13.49 9.10 -21.88
N PRO A 184 12.80 9.92 -21.06
CA PRO A 184 12.03 11.06 -21.57
C PRO A 184 12.95 12.26 -21.76
N CYS A 185 14.24 11.99 -21.69
CA CYS A 185 15.22 13.01 -21.37
C CYS A 185 16.38 12.99 -22.36
N THR A 186 16.75 14.17 -22.83
CA THR A 186 17.87 14.32 -23.76
C THR A 186 19.23 14.40 -23.05
N ARG A 187 19.24 14.45 -21.72
CA ARG A 187 20.50 14.61 -20.95
C ARG A 187 21.00 13.30 -20.32
N LYS A 188 20.22 12.23 -20.45
CA LYS A 188 20.54 10.97 -19.78
C LYS A 188 21.75 10.23 -20.38
N GLN A 189 22.00 10.44 -21.66
CA GLN A 189 23.22 9.92 -22.26
C GLN A 189 24.47 10.56 -21.66
N SER A 190 24.42 11.87 -21.42
CA SER A 190 25.58 12.56 -20.82
C SER A 190 25.82 12.04 -19.39
N GLU A 191 24.74 11.74 -18.69
CA GLU A 191 24.85 11.07 -17.38
C GLU A 191 25.54 9.72 -17.52
N ALA A 192 25.05 8.89 -18.45
CA ALA A 192 25.61 7.56 -18.65
C ALA A 192 27.08 7.63 -19.05
N ASP A 193 27.46 8.72 -19.72
CA ASP A 193 28.82 8.86 -20.28
C ASP A 193 29.90 9.31 -19.27
N ARG A 194 29.49 9.63 -18.05
CA ARG A 194 30.50 10.01 -17.03
C ARG A 194 31.57 8.93 -16.95
N ASP A 195 32.84 9.34 -17.07
CA ASP A 195 33.95 8.42 -17.32
C ASP A 195 34.00 7.20 -16.41
N TRP A 196 33.78 7.44 -15.12
CA TRP A 196 33.97 6.39 -14.12
C TRP A 196 32.79 5.44 -13.99
N PHE A 197 31.72 5.68 -14.75
CA PHE A 197 30.60 4.73 -14.79
C PHE A 197 30.96 3.54 -15.68
N CYS A 198 32.06 2.88 -15.33
CA CYS A 198 32.66 1.81 -16.13
C CYS A 198 32.54 0.49 -15.36
N VAL A 199 32.76 -0.62 -16.05
CA VAL A 199 32.67 -1.93 -15.38
C VAL A 199 34.07 -2.48 -15.09
N ASP A 200 34.30 -2.86 -13.83
CA ASP A 200 35.61 -3.37 -13.39
C ASP A 200 36.81 -2.59 -13.96
N THR A 204 36.89 -0.42 -22.96
CA THR A 204 35.99 0.59 -22.42
C THR A 204 34.60 0.00 -22.13
N LEU A 205 34.47 -0.60 -20.95
CA LEU A 205 33.22 -1.24 -20.55
C LEU A 205 32.28 -0.27 -19.84
N ARG A 206 31.21 0.12 -20.52
CA ARG A 206 30.25 1.06 -19.96
C ARG A 206 29.18 0.33 -19.15
N GLN A 207 28.79 0.90 -18.01
CA GLN A 207 27.66 0.37 -17.25
C GLN A 207 26.36 0.51 -18.05
N LEU A 208 26.12 1.70 -18.59
CA LEU A 208 24.97 1.95 -19.46
C LEU A 208 25.46 2.50 -20.80
N ASP A 209 25.23 1.71 -21.85
CA ASP A 209 25.83 1.97 -23.17
C ASP A 209 25.12 3.04 -23.98
N HIS A 210 23.79 2.91 -24.10
CA HIS A 210 23.04 3.73 -25.04
C HIS A 210 21.74 4.21 -24.42
N VAL A 211 21.44 5.49 -24.57
CA VAL A 211 20.17 6.04 -24.14
C VAL A 211 19.36 6.43 -25.38
N ILE A 212 18.09 6.03 -25.40
CA ILE A 212 17.17 6.36 -26.49
C ILE A 212 15.98 7.12 -25.88
N THR A 213 15.49 8.14 -26.57
CA THR A 213 14.38 8.92 -26.03
C THR A 213 13.03 8.32 -26.40
N THR A 214 11.98 8.78 -25.73
CA THR A 214 10.63 8.34 -26.05
C THR A 214 10.30 8.50 -27.55
N VAL A 215 10.60 9.68 -28.10
CA VAL A 215 10.27 9.92 -29.50
C VAL A 215 11.13 9.11 -30.48
N GLU A 216 12.41 8.94 -30.16
CA GLU A 216 13.28 8.12 -30.98
C GLU A 216 12.76 6.69 -31.01
N LEU A 217 12.38 6.17 -29.85
CA LEU A 217 11.82 4.82 -29.79
C LEU A 217 10.50 4.76 -30.56
N GLY A 218 9.64 5.75 -30.36
CA GLY A 218 8.37 5.82 -31.10
C GLY A 218 8.60 5.75 -32.61
N ASN A 219 9.59 6.50 -33.09
CA ASN A 219 10.01 6.47 -34.49
C ASN A 219 10.49 5.10 -34.94
N ILE A 220 11.29 4.45 -34.11
CA ILE A 220 11.77 3.10 -34.41
C ILE A 220 10.60 2.15 -34.67
N PHE A 221 9.60 2.18 -33.78
CA PHE A 221 8.41 1.33 -33.93
C PHE A 221 7.65 1.65 -35.23
N LYS A 222 7.41 2.93 -35.49
CA LYS A 222 6.66 3.32 -36.70
C LYS A 222 7.41 2.92 -37.97
N GLU A 223 8.73 3.03 -37.97
CA GLU A 223 9.52 2.69 -39.15
C GLU A 223 9.53 1.19 -39.42
N ARG A 224 9.25 0.40 -38.39
CA ARG A 224 9.21 -1.06 -38.52
C ARG A 224 7.78 -1.57 -38.62
N GLY A 225 6.82 -0.65 -38.73
CA GLY A 225 5.41 -1.02 -38.77
C GLY A 225 4.89 -1.72 -37.53
N ILE A 226 5.50 -1.42 -36.38
CA ILE A 226 5.03 -1.89 -35.09
C ILE A 226 4.06 -0.87 -34.49
N ASN A 227 2.81 -1.28 -34.30
CA ASN A 227 1.79 -0.44 -33.69
C ASN A 227 1.52 -0.96 -32.27
N LEU A 228 2.04 -0.25 -31.28
CA LEU A 228 1.99 -0.72 -29.89
C LEU A 228 0.58 -1.02 -29.40
N ALA A 229 -0.39 -0.20 -29.82
CA ALA A 229 -1.79 -0.37 -29.39
C ALA A 229 -2.41 -1.69 -29.85
N GLU A 230 -1.82 -2.30 -30.87
CA GLU A 230 -2.32 -3.55 -31.43
C GLU A 230 -1.54 -4.78 -30.97
N LEU A 231 -0.58 -4.58 -30.07
CA LEU A 231 0.23 -5.70 -29.58
C LEU A 231 -0.44 -6.45 -28.45
N PRO A 232 -0.14 -7.75 -28.33
CA PRO A 232 -0.58 -8.52 -27.17
C PRO A 232 0.21 -8.08 -25.94
N GLU A 233 -0.25 -8.45 -24.76
CA GLU A 233 0.47 -8.14 -23.53
C GLU A 233 1.72 -8.99 -23.47
N GLY A 234 2.87 -8.35 -23.31
CA GLY A 234 4.12 -9.06 -23.12
C GLY A 234 4.41 -9.18 -21.64
N GLU A 235 5.67 -9.38 -21.29
CA GLU A 235 6.04 -9.46 -19.87
C GLU A 235 7.42 -8.87 -19.64
N TRP A 236 7.64 -8.38 -18.42
CA TRP A 236 8.91 -7.82 -18.03
C TRP A 236 9.86 -8.91 -17.51
N ASP A 237 11.15 -8.60 -17.51
CA ASP A 237 12.15 -9.46 -16.91
C ASP A 237 12.55 -8.88 -15.55
N ASN A 238 12.97 -9.77 -14.65
CA ASN A 238 13.45 -9.39 -13.34
C ASN A 238 14.96 -9.27 -13.38
N PRO A 239 15.50 -8.11 -12.99
CA PRO A 239 16.95 -7.88 -13.00
C PRO A 239 17.70 -8.86 -12.10
N MET A 240 16.98 -9.52 -11.19
CA MET A 240 17.57 -10.54 -10.32
C MET A 240 17.88 -11.83 -11.08
N GLY A 241 17.24 -12.02 -12.23
CA GLY A 241 17.53 -13.17 -13.09
C GLY A 241 16.76 -14.43 -12.73
N VAL A 242 15.84 -14.32 -11.78
CA VAL A 242 14.99 -15.44 -11.39
C VAL A 242 13.57 -14.94 -11.17
N GLY A 243 12.60 -15.85 -11.33
CA GLY A 243 11.21 -15.50 -11.09
C GLY A 243 10.59 -14.74 -12.25
N SER A 244 9.36 -14.29 -12.07
CA SER A 244 8.63 -13.62 -13.13
C SER A 244 8.30 -12.18 -12.75
N GLY A 245 7.98 -11.36 -13.74
CA GLY A 245 7.63 -9.96 -13.50
C GLY A 245 8.83 -9.05 -13.43
N ALA A 246 8.58 -7.77 -13.21
CA ALA A 246 9.61 -6.74 -13.22
C ALA A 246 10.47 -6.68 -11.94
N GLY A 247 10.10 -7.47 -10.94
CA GLY A 247 10.87 -7.49 -9.69
C GLY A 247 10.60 -6.28 -8.82
N VAL A 248 9.47 -5.62 -9.07
CA VAL A 248 8.97 -4.49 -8.30
C VAL A 248 7.57 -4.89 -7.82
N LEU A 249 7.21 -4.53 -6.58
CA LEU A 249 5.90 -4.93 -6.05
C LEU A 249 4.77 -4.04 -6.58
N PHE A 250 3.52 -4.44 -6.33
CA PHE A 250 2.34 -3.67 -6.73
C PHE A 250 2.22 -2.39 -5.90
N GLY A 251 1.87 -1.28 -6.57
CA GLY A 251 1.67 -0.01 -5.88
C GLY A 251 2.62 1.11 -6.30
N THR A 252 2.54 2.22 -5.60
CA THR A 252 3.37 3.39 -5.89
C THR A 252 4.13 3.87 -4.68
N THR A 253 5.29 4.47 -4.91
CA THR A 253 6.16 4.97 -3.83
C THR A 253 5.98 6.46 -3.61
N GLY A 254 5.45 7.16 -4.61
CA GLY A 254 5.40 8.63 -4.59
C GLY A 254 6.63 9.26 -5.23
N GLY A 255 7.52 8.40 -5.75
CA GLY A 255 8.74 8.88 -6.39
C GLY A 255 9.92 8.79 -5.45
N VAL A 256 11.14 8.85 -6.01
CA VAL A 256 12.36 8.71 -5.20
C VAL A 256 12.47 9.67 -4.01
N MET A 257 12.17 10.95 -4.22
CA MET A 257 12.36 11.92 -3.13
C MET A 257 11.41 11.65 -1.96
N GLU A 258 10.12 11.50 -2.25
CA GLU A 258 9.15 11.21 -1.20
C GLU A 258 9.48 9.90 -0.51
N ALA A 259 9.88 8.90 -1.29
CA ALA A 259 10.17 7.57 -0.72
C ALA A 259 11.45 7.56 0.12
N ALA A 260 12.46 8.32 -0.30
CA ALA A 260 13.67 8.49 0.51
C ALA A 260 13.30 9.15 1.84
N LEU A 261 12.47 10.20 1.77
CA LEU A 261 11.96 10.87 2.96
C LEU A 261 11.18 9.91 3.87
N ARG A 262 10.36 9.06 3.25
CA ARG A 262 9.57 8.06 3.99
C ARG A 262 10.48 7.05 4.68
N THR A 263 11.51 6.58 3.99
CA THR A 263 12.46 5.67 4.58
C THR A 263 13.03 6.25 5.87
N ALA A 264 13.54 7.47 5.78
CA ALA A 264 14.10 8.18 6.93
C ALA A 264 13.05 8.44 8.02
N TYR A 265 11.91 8.97 7.63
CA TYR A 265 10.83 9.32 8.57
C TYR A 265 10.36 8.11 9.37
N GLU A 266 10.12 7.00 8.68
CA GLU A 266 9.53 5.84 9.33
C GLU A 266 10.51 5.17 10.30
N LEU A 267 11.79 5.11 9.94
CA LEU A 267 12.81 4.65 10.88
C LEU A 267 12.95 5.58 12.08
N PHE A 268 12.92 6.90 11.83
CA PHE A 268 13.06 7.90 12.89
C PHE A 268 11.91 7.87 13.88
N THR A 269 10.68 7.77 13.37
CA THR A 269 9.49 7.98 14.19
C THR A 269 8.74 6.71 14.60
N GLY A 270 8.89 5.65 13.82
CA GLY A 270 8.12 4.43 14.04
C GLY A 270 6.68 4.56 13.58
N THR A 271 6.39 5.61 12.81
CA THR A 271 5.04 5.87 12.29
C THR A 271 5.09 6.05 10.77
N PRO A 272 4.00 5.67 10.06
CA PRO A 272 4.04 5.78 8.61
C PRO A 272 3.99 7.22 8.10
N LEU A 273 4.66 7.47 6.99
CA LEU A 273 4.57 8.77 6.31
C LEU A 273 3.53 8.69 5.20
N PRO A 274 2.47 9.50 5.28
CA PRO A 274 1.45 9.49 4.23
C PRO A 274 1.99 10.08 2.92
N ARG A 275 1.21 10.01 1.85
CA ARG A 275 1.57 10.69 0.61
C ARG A 275 1.70 12.18 0.88
N LEU A 276 2.78 12.78 0.38
CA LEU A 276 3.02 14.20 0.61
C LEU A 276 2.15 15.09 -0.27
N SER A 277 1.80 16.27 0.26
CA SER A 277 1.17 17.31 -0.56
C SER A 277 2.03 18.56 -0.47
N LEU A 278 2.74 18.85 -1.55
CA LEU A 278 3.60 20.02 -1.62
C LEU A 278 2.76 21.27 -1.88
N SER A 279 3.15 22.38 -1.25
CA SER A 279 2.45 23.63 -1.44
C SER A 279 3.36 24.65 -2.12
N GLU A 280 2.77 25.47 -2.99
CA GLU A 280 3.52 26.49 -3.72
C GLU A 280 4.08 27.54 -2.78
N VAL A 281 5.33 27.93 -3.01
CA VAL A 281 5.98 28.92 -2.18
C VAL A 281 5.70 30.31 -2.78
N ARG A 282 5.25 31.23 -1.92
CA ARG A 282 4.91 32.57 -2.38
C ARG A 282 6.15 33.39 -2.72
N GLY A 283 6.12 34.04 -3.88
CA GLY A 283 7.21 34.91 -4.31
C GLY A 283 8.38 34.19 -4.94
N MET A 284 8.21 32.90 -5.21
CA MET A 284 9.25 32.12 -5.88
C MET A 284 8.64 31.14 -6.87
N ASP A 285 8.81 31.42 -8.15
CA ASP A 285 8.29 30.57 -9.21
C ASP A 285 8.95 29.20 -9.21
N GLY A 286 8.16 28.17 -9.50
CA GLY A 286 8.67 26.81 -9.66
C GLY A 286 9.14 26.14 -8.37
N ILE A 287 8.79 26.71 -7.22
CA ILE A 287 9.23 26.14 -5.95
C ILE A 287 8.04 25.68 -5.13
N LYS A 288 8.12 24.45 -4.64
CA LYS A 288 7.10 23.88 -3.78
C LYS A 288 7.77 23.35 -2.52
N GLU A 289 7.03 23.30 -1.42
CA GLU A 289 7.61 22.90 -0.14
C GLU A 289 6.67 22.08 0.73
N THR A 290 7.24 21.44 1.74
CA THR A 290 6.45 20.88 2.83
C THR A 290 7.29 20.77 4.10
N ASN A 291 6.64 20.90 5.24
CA ASN A 291 7.30 20.72 6.52
C ASN A 291 6.83 19.42 7.16
N ILE A 292 7.77 18.60 7.59
CA ILE A 292 7.46 17.27 8.10
C ILE A 292 7.93 17.19 9.55
N THR A 293 6.99 17.14 10.48
CA THR A 293 7.36 17.11 11.89
C THR A 293 7.66 15.67 12.32
N MET A 294 8.77 15.50 13.03
CA MET A 294 9.26 14.17 13.35
C MET A 294 9.59 14.03 14.82
N VAL A 295 8.81 13.22 15.52
CA VAL A 295 9.11 12.88 16.90
C VAL A 295 9.80 11.51 16.93
N PRO A 296 10.96 11.42 17.60
CA PRO A 296 11.69 10.15 17.60
C PRO A 296 10.88 9.05 18.26
N ALA A 297 11.01 7.82 17.77
CA ALA A 297 10.32 6.68 18.37
C ALA A 297 10.79 6.50 19.81
N PRO A 298 9.85 6.23 20.72
CA PRO A 298 10.23 6.03 22.12
C PRO A 298 11.26 4.91 22.31
N GLY A 299 12.30 5.18 23.09
CA GLY A 299 13.34 4.20 23.36
C GLY A 299 14.42 4.10 22.29
N SER A 300 14.26 4.87 21.21
CA SER A 300 15.19 4.81 20.08
C SER A 300 16.46 5.63 20.33
N LYS A 301 17.48 5.39 19.52
CA LYS A 301 18.71 6.17 19.61
C LYS A 301 18.44 7.62 19.22
N PHE A 302 17.48 7.83 18.30
CA PHE A 302 17.10 9.16 17.87
C PHE A 302 16.54 9.99 19.02
N GLU A 303 15.73 9.36 19.87
CA GLU A 303 15.18 10.03 21.05
C GLU A 303 16.30 10.44 21.99
N GLU A 304 17.28 9.55 22.15
CA GLU A 304 18.43 9.79 22.99
C GLU A 304 19.24 11.00 22.50
N LEU A 305 19.55 11.01 21.21
CA LEU A 305 20.34 12.08 20.61
C LEU A 305 19.74 13.47 20.80
N LEU A 306 18.42 13.59 20.62
CA LEU A 306 17.74 14.87 20.79
C LEU A 306 17.82 15.40 22.22
N LYS A 307 17.71 14.48 23.18
CA LYS A 307 17.74 14.84 24.60
C LYS A 307 19.17 15.08 25.08
N HIS A 308 20.06 14.13 24.80
CA HIS A 308 21.42 14.14 25.35
C HIS A 308 22.31 15.29 24.89
N ARG A 309 21.91 15.98 23.82
CA ARG A 309 22.68 17.13 23.34
C ARG A 309 21.79 18.19 22.67
N ALA A 310 21.35 19.16 23.46
CA ALA A 310 20.48 20.22 22.97
C ALA A 310 21.26 21.33 22.27
N ALA A 311 22.54 21.42 22.57
CA ALA A 311 23.41 22.45 21.99
C ALA A 311 24.42 21.86 21.02
N GLY A 323 31.46 26.61 4.22
CA GLY A 323 30.03 26.31 4.14
C GLY A 323 29.20 27.46 3.61
N PRO A 324 29.01 27.51 2.27
CA PRO A 324 28.16 28.50 1.62
C PRO A 324 26.69 28.36 2.04
N LEU A 325 26.36 27.20 2.61
CA LEU A 325 25.06 26.96 3.20
C LEU A 325 25.24 26.35 4.58
N ALA A 326 25.27 27.20 5.60
CA ALA A 326 25.40 26.71 6.98
C ALA A 326 24.06 26.20 7.50
N TRP A 327 24.06 24.96 8.01
CA TRP A 327 22.86 24.39 8.61
C TRP A 327 22.56 25.10 9.92
N ASP A 328 21.35 25.64 10.04
CA ASP A 328 20.98 26.45 11.20
C ASP A 328 20.79 25.63 12.47
N GLY A 329 21.35 24.41 12.47
CA GLY A 329 21.17 23.49 13.58
C GLY A 329 19.81 22.82 13.50
N GLY A 330 19.04 23.18 12.47
CA GLY A 330 17.74 22.56 12.22
C GLY A 330 16.60 23.22 12.94
N ALA A 331 15.39 23.02 12.42
CA ALA A 331 14.19 23.54 13.05
C ALA A 331 13.64 22.51 14.02
N GLY A 332 13.75 22.82 15.32
CA GLY A 332 13.29 21.89 16.35
C GLY A 332 12.02 22.36 17.03
N PHE A 333 11.37 21.45 17.75
CA PHE A 333 10.30 21.82 18.65
C PHE A 333 10.35 20.94 19.88
N THR A 334 9.76 21.41 20.97
CA THR A 334 9.75 20.64 22.21
C THR A 334 8.44 20.87 22.95
N SER A 335 8.15 20.01 23.92
CA SER A 335 6.97 20.17 24.75
C SER A 335 7.40 20.31 26.21
N GLU A 336 6.45 20.67 27.07
CA GLU A 336 6.73 20.89 28.48
C GLU A 336 7.33 19.67 29.17
N ASP A 337 6.92 18.48 28.75
CA ASP A 337 7.43 17.23 29.34
C ASP A 337 8.73 16.76 28.70
N GLY A 338 9.21 17.50 27.70
CA GLY A 338 10.50 17.22 27.09
C GLY A 338 10.48 16.37 25.83
N ARG A 339 9.29 16.08 25.32
CA ARG A 339 9.21 15.34 24.06
C ARG A 339 9.60 16.21 22.88
N GLY A 340 10.89 16.18 22.54
CA GLY A 340 11.42 16.97 21.45
C GLY A 340 11.12 16.38 20.09
N GLY A 341 11.18 17.23 19.08
CA GLY A 341 11.07 16.78 17.70
C GLY A 341 11.87 17.69 16.78
N ILE A 342 12.04 17.26 15.55
CA ILE A 342 12.63 18.10 14.53
C ILE A 342 11.64 18.22 13.38
N THR A 343 11.61 19.36 12.72
CA THR A 343 10.78 19.52 11.53
C THR A 343 11.69 19.55 10.31
N LEU A 344 11.48 18.57 9.42
CA LEU A 344 12.24 18.47 8.20
C LEU A 344 11.62 19.41 7.17
N ARG A 345 12.41 20.36 6.70
CA ARG A 345 11.95 21.38 5.76
C ARG A 345 12.36 21.00 4.34
N VAL A 346 11.38 20.70 3.50
CA VAL A 346 11.63 20.09 2.19
C VAL A 346 11.17 20.99 1.05
N ALA A 347 12.04 21.20 0.07
CA ALA A 347 11.68 21.97 -1.13
C ALA A 347 11.90 21.20 -2.42
N VAL A 348 11.08 21.51 -3.43
CA VAL A 348 11.24 20.96 -4.78
C VAL A 348 11.29 22.12 -5.77
N ALA A 349 12.32 22.14 -6.62
CA ALA A 349 12.46 23.20 -7.63
C ALA A 349 12.35 22.65 -9.06
N ASN A 350 11.53 23.30 -9.87
CA ASN A 350 11.43 23.06 -11.31
C ASN A 350 11.43 24.45 -11.98
N GLY A 351 12.31 24.78 -12.92
CA GLY A 351 13.50 24.05 -13.29
C GLY A 351 14.70 24.92 -12.97
N LEU A 352 15.66 25.03 -13.90
CA LEU A 352 16.99 25.54 -13.55
C LEU A 352 17.08 27.04 -13.22
N GLY A 353 16.35 27.87 -13.94
CA GLY A 353 16.31 29.30 -13.59
C GLY A 353 15.71 29.49 -12.22
N ASN A 354 14.58 28.82 -11.99
CA ASN A 354 13.91 28.86 -10.70
C ASN A 354 14.80 28.33 -9.57
N ALA A 355 15.60 27.31 -9.87
CA ALA A 355 16.51 26.75 -8.89
C ALA A 355 17.63 27.71 -8.50
N LYS A 356 18.11 28.49 -9.47
CA LYS A 356 19.14 29.49 -9.18
C LYS A 356 18.65 30.54 -8.20
N LYS A 357 17.39 30.93 -8.34
CA LYS A 357 16.77 31.91 -7.44
C LYS A 357 16.57 31.33 -6.03
N LEU A 358 16.27 30.03 -5.95
CA LEU A 358 16.15 29.37 -4.66
C LEU A 358 17.50 29.34 -3.95
N ILE A 359 18.54 28.92 -4.68
CA ILE A 359 19.89 28.85 -4.12
C ILE A 359 20.35 30.20 -3.55
N THR A 360 20.13 31.27 -4.32
CA THR A 360 20.45 32.62 -3.87
C THR A 360 19.75 32.95 -2.54
N LYS A 361 18.45 32.66 -2.44
CA LYS A 361 17.72 32.87 -1.20
C LYS A 361 18.27 32.00 -0.08
N MET A 362 18.59 30.74 -0.39
CA MET A 362 19.16 29.84 0.61
C MET A 362 20.47 30.41 1.15
N GLN A 363 21.36 30.82 0.23
CA GLN A 363 22.64 31.41 0.62
C GLN A 363 22.45 32.69 1.43
N ALA A 364 21.39 33.43 1.15
CA ALA A 364 21.08 34.64 1.90
C ALA A 364 20.47 34.34 3.26
N GLY A 365 20.02 33.10 3.45
CA GLY A 365 19.38 32.70 4.70
C GLY A 365 17.90 33.04 4.72
N GLU A 366 17.38 33.52 3.59
CA GLU A 366 15.97 33.87 3.47
C GLU A 366 15.10 32.64 3.23
N ALA A 367 15.69 31.60 2.65
CA ALA A 367 15.01 30.33 2.47
C ALA A 367 15.73 29.26 3.28
N LYS A 368 15.00 28.56 4.14
CA LYS A 368 15.61 27.59 5.04
C LYS A 368 15.08 26.19 4.76
N TYR A 369 15.92 25.34 4.17
CA TYR A 369 15.51 23.98 3.83
C TYR A 369 16.57 22.95 4.20
N ASP A 370 16.13 21.73 4.46
CA ASP A 370 17.00 20.63 4.89
C ASP A 370 17.24 19.60 3.79
N PHE A 371 16.31 19.52 2.84
CA PHE A 371 16.34 18.52 1.77
C PHE A 371 15.70 19.16 0.54
N VAL A 372 16.42 19.16 -0.57
CA VAL A 372 16.01 19.93 -1.75
C VAL A 372 16.17 19.09 -3.02
N GLU A 373 15.09 18.99 -3.77
CA GLU A 373 15.12 18.31 -5.06
C GLU A 373 15.04 19.32 -6.22
N ILE A 374 16.03 19.26 -7.10
CA ILE A 374 16.07 20.14 -8.26
C ILE A 374 15.96 19.34 -9.55
N MET A 375 14.95 19.68 -10.34
CA MET A 375 14.68 19.07 -11.63
C MET A 375 14.79 20.17 -12.68
N ALA A 376 15.53 19.89 -13.75
CA ALA A 376 15.76 20.88 -14.80
C ALA A 376 14.49 21.24 -15.59
N CYS A 377 13.59 20.27 -15.74
CA CYS A 377 12.36 20.49 -16.50
C CYS A 377 11.22 21.08 -15.64
N PRO A 378 10.57 22.14 -16.14
CA PRO A 378 9.44 22.78 -15.48
C PRO A 378 8.38 21.79 -14.99
N ALA A 379 8.04 20.81 -15.83
CA ALA A 379 7.00 19.84 -15.48
C ALA A 379 7.56 18.53 -14.94
N GLY A 380 8.87 18.49 -14.71
CA GLY A 380 9.52 17.25 -14.31
C GLY A 380 9.71 16.33 -15.51
N CYS A 381 10.03 15.08 -15.25
CA CYS A 381 10.41 14.17 -16.32
C CYS A 381 9.31 13.88 -17.34
N VAL A 382 8.05 13.93 -16.91
CA VAL A 382 6.95 13.72 -17.85
C VAL A 382 6.96 14.81 -18.92
N GLY A 383 7.58 15.94 -18.61
CA GLY A 383 7.74 17.02 -19.58
C GLY A 383 9.15 17.16 -20.14
N GLY A 384 9.93 16.09 -20.10
CA GLY A 384 11.32 16.11 -20.57
C GLY A 384 11.48 16.37 -22.06
N GLY A 385 12.69 16.77 -22.45
CA GLY A 385 12.97 17.18 -23.82
C GLY A 385 12.91 16.09 -24.88
N GLY A 386 12.92 14.82 -24.43
CA GLY A 386 12.81 13.70 -25.35
C GLY A 386 11.37 13.22 -25.55
N GLN A 387 10.42 13.94 -24.95
CA GLN A 387 9.02 13.55 -25.02
C GLN A 387 8.35 14.07 -26.31
N PRO A 388 7.24 13.45 -26.73
CA PRO A 388 6.47 13.93 -27.87
C PRO A 388 6.01 15.38 -27.67
N ARG A 389 5.89 16.12 -28.77
CA ARG A 389 5.39 17.49 -28.72
C ARG A 389 3.88 17.51 -28.96
N SER A 390 3.16 18.23 -28.10
CA SER A 390 1.71 18.29 -28.18
C SER A 390 1.22 19.75 -28.19
N THR A 391 0.07 19.98 -28.80
CA THR A 391 -0.56 21.30 -28.79
C THR A 391 -1.37 21.49 -27.51
N ASP A 392 -1.53 20.40 -26.76
CA ASP A 392 -2.26 20.42 -25.51
C ASP A 392 -1.40 21.03 -24.41
N LYS A 393 -1.80 22.21 -23.92
CA LYS A 393 -1.05 22.89 -22.86
C LYS A 393 -1.01 22.09 -21.56
N ALA A 394 -1.97 21.17 -21.39
CA ALA A 394 -2.03 20.34 -20.19
C ALA A 394 -1.57 18.90 -20.43
N ILE A 395 -0.76 18.68 -21.46
CA ILE A 395 -0.33 17.31 -21.78
C ILE A 395 0.44 16.67 -20.61
N THR A 396 1.26 17.46 -19.92
CA THR A 396 2.05 16.90 -18.81
C THR A 396 1.15 16.53 -17.62
N GLN A 397 0.05 17.25 -17.43
CA GLN A 397 -0.93 16.90 -16.41
C GLN A 397 -1.58 15.56 -16.75
N LYS A 398 -1.87 15.36 -18.03
CA LYS A 398 -2.46 14.10 -18.49
C LYS A 398 -1.49 12.94 -18.35
N ARG A 399 -0.22 13.19 -18.66
CA ARG A 399 0.82 12.18 -18.52
C ARG A 399 1.02 11.77 -17.06
N GLN A 400 1.02 12.75 -16.16
CA GLN A 400 1.18 12.48 -14.73
C GLN A 400 0.00 11.63 -14.22
N ALA A 401 -1.21 12.04 -14.59
CA ALA A 401 -2.41 11.34 -14.15
C ALA A 401 -2.48 9.90 -14.64
N ALA A 402 -1.91 9.64 -15.82
CA ALA A 402 -1.93 8.29 -16.38
C ALA A 402 -0.72 7.46 -15.98
N LEU A 403 0.20 8.04 -15.21
CA LEU A 403 1.40 7.31 -14.80
C LEU A 403 1.05 5.99 -14.11
N TYR A 404 0.07 6.02 -13.23
CA TYR A 404 -0.38 4.82 -12.52
C TYR A 404 -1.90 4.74 -12.47
N ASN A 405 -2.44 3.53 -12.48
CA ASN A 405 -3.88 3.34 -12.37
C ASN A 405 -4.37 3.65 -10.96
N LEU A 406 -5.67 3.87 -10.81
CA LEU A 406 -6.25 4.15 -9.50
C LEU A 406 -5.98 3.02 -8.52
N ASP A 407 -5.89 1.79 -9.04
CA ASP A 407 -5.62 0.62 -8.22
C ASP A 407 -4.24 0.70 -7.57
N GLU A 408 -3.20 0.93 -8.39
CA GLU A 408 -1.84 1.03 -7.89
C GLU A 408 -1.62 2.32 -7.11
N LYS A 409 -2.35 3.36 -7.49
CA LYS A 409 -2.26 4.68 -6.85
C LYS A 409 -2.65 4.62 -5.39
N SER A 410 -3.60 3.74 -5.07
CA SER A 410 -4.18 3.67 -3.73
C SER A 410 -3.33 2.83 -2.78
N THR A 411 -2.36 2.10 -3.34
CA THR A 411 -1.49 1.22 -2.56
C THR A 411 -0.07 1.79 -2.45
N LEU A 412 0.35 2.10 -1.23
CA LEU A 412 1.68 2.61 -1.00
C LEU A 412 2.66 1.44 -0.96
N ARG A 413 3.71 1.51 -1.79
CA ARG A 413 4.81 0.53 -1.86
C ARG A 413 5.99 1.03 -1.06
N ARG A 414 6.71 0.14 -0.37
CA ARG A 414 7.98 0.51 0.28
C ARG A 414 9.15 -0.31 -0.26
N SER A 415 10.17 0.37 -0.76
CA SER A 415 11.29 -0.31 -1.44
C SER A 415 11.96 -1.37 -0.58
N HIS A 416 12.13 -1.08 0.71
CA HIS A 416 12.82 -2.03 1.61
C HIS A 416 12.05 -3.34 1.82
N GLU A 417 10.77 -3.35 1.43
CA GLU A 417 9.93 -4.54 1.58
C GLU A 417 9.94 -5.44 0.33
N ASN A 418 10.62 -4.98 -0.72
CA ASN A 418 10.71 -5.72 -1.98
C ASN A 418 11.69 -6.88 -1.83
N PRO A 419 11.17 -8.12 -1.90
CA PRO A 419 12.01 -9.32 -1.72
C PRO A 419 13.22 -9.37 -2.67
N SER A 420 13.06 -8.86 -3.88
CA SER A 420 14.18 -8.82 -4.84
C SER A 420 15.29 -7.89 -4.35
N ILE A 421 14.90 -6.77 -3.75
CA ILE A 421 15.83 -5.81 -3.17
C ILE A 421 16.49 -6.38 -1.91
N ARG A 422 15.68 -6.96 -1.04
CA ARG A 422 16.18 -7.64 0.16
C ARG A 422 17.24 -8.69 -0.18
N GLU A 423 16.93 -9.56 -1.14
CA GLU A 423 17.86 -10.60 -1.60
C GLU A 423 19.17 -10.01 -2.13
N LEU A 424 19.07 -8.97 -2.96
CA LEU A 424 20.25 -8.31 -3.50
C LEU A 424 21.18 -7.77 -2.41
N TYR A 425 20.62 -7.10 -1.41
CA TYR A 425 21.44 -6.61 -0.30
C TYR A 425 21.96 -7.77 0.55
N ASP A 426 21.08 -8.71 0.89
CA ASP A 426 21.47 -9.83 1.76
C ASP A 426 22.59 -10.67 1.16
N THR A 427 22.53 -10.93 -0.15
CA THR A 427 23.45 -11.87 -0.78
C THR A 427 24.55 -11.23 -1.64
N TYR A 428 24.50 -9.92 -1.84
CA TYR A 428 25.45 -9.31 -2.75
C TYR A 428 26.00 -7.96 -2.28
N LEU A 429 25.10 -7.00 -2.05
CA LEU A 429 25.53 -5.62 -1.77
C LEU A 429 26.02 -5.38 -0.35
N GLY A 430 25.42 -6.08 0.61
CA GLY A 430 25.72 -5.86 2.03
C GLY A 430 24.72 -4.90 2.63
N GLU A 431 25.20 -3.75 3.10
CA GLU A 431 24.33 -2.73 3.68
C GLU A 431 24.28 -1.49 2.79
N PRO A 432 23.13 -0.80 2.77
CA PRO A 432 23.08 0.50 2.11
C PRO A 432 24.21 1.37 2.63
N LEU A 433 24.85 2.12 1.74
CA LEU A 433 25.96 3.00 2.13
C LEU A 433 27.27 2.25 2.38
N GLY A 434 27.19 0.93 2.39
CA GLY A 434 28.37 0.11 2.65
C GLY A 434 29.39 0.18 1.52
N HIS A 435 30.43 -0.64 1.61
CA HIS A 435 31.53 -0.55 0.65
C HIS A 435 31.11 -0.95 -0.76
N LYS A 436 30.43 -2.08 -0.88
CA LYS A 436 29.97 -2.58 -2.15
C LYS A 436 28.89 -1.65 -2.72
N ALA A 437 27.98 -1.21 -1.86
CA ALA A 437 26.93 -0.29 -2.28
C ALA A 437 27.51 1.02 -2.78
N HIS A 438 28.52 1.53 -2.08
CA HIS A 438 29.17 2.77 -2.48
C HIS A 438 29.84 2.61 -3.84
N GLU A 439 30.50 1.47 -4.03
CA GLU A 439 31.26 1.21 -5.24
C GLU A 439 30.38 1.16 -6.49
N LEU A 440 29.23 0.50 -6.37
CA LEU A 440 28.34 0.28 -7.50
C LEU A 440 27.29 1.36 -7.68
N LEU A 441 26.79 1.89 -6.57
CA LEU A 441 25.56 2.70 -6.59
C LEU A 441 25.79 4.18 -6.27
N HIS A 442 26.99 4.53 -5.82
CA HIS A 442 27.30 5.92 -5.51
C HIS A 442 28.34 6.51 -6.44
N THR A 443 28.51 7.83 -6.39
CA THR A 443 29.33 8.55 -7.37
C THR A 443 29.92 9.80 -6.72
N HIS A 444 30.55 10.65 -7.52
CA HIS A 444 31.15 11.87 -7.03
C HIS A 444 30.95 12.97 -8.07
N TYR A 445 31.36 14.19 -7.73
CA TYR A 445 31.16 15.32 -8.62
C TYR A 445 32.46 16.05 -8.88
N VAL A 446 32.54 16.72 -10.03
CA VAL A 446 33.78 17.33 -10.50
C VAL A 446 33.59 18.83 -10.68
N ALA A 447 34.19 19.62 -9.78
CA ALA A 447 34.12 21.07 -9.86
C ALA A 447 34.60 21.55 -11.22
N GLY A 448 33.81 22.40 -11.86
CA GLY A 448 34.11 22.84 -13.22
C GLY A 448 33.42 22.00 -14.27
N GLY A 449 33.01 20.80 -13.90
CA GLY A 449 32.25 19.94 -14.80
C GLY A 449 33.10 18.94 -15.57
N VAL A 450 32.45 18.15 -16.42
CA VAL A 450 33.15 17.12 -17.18
C VAL A 450 32.95 17.30 -18.69
N LEU B 25 -10.49 21.00 9.64
CA LEU B 25 -10.25 20.07 10.79
C LEU B 25 -10.24 18.61 10.34
N SER B 26 -9.19 17.89 10.70
CA SER B 26 -9.11 16.45 10.45
C SER B 26 -10.13 15.72 11.31
N HIS B 27 -10.37 14.45 11.00
CA HIS B 27 -11.27 13.64 11.81
C HIS B 27 -10.75 13.44 13.24
N VAL B 28 -9.44 13.32 13.39
CA VAL B 28 -8.85 13.26 14.73
C VAL B 28 -9.19 14.52 15.51
N GLN B 29 -9.00 15.68 14.87
CA GLN B 29 -9.29 16.96 15.52
C GLN B 29 -10.77 17.10 15.87
N GLN B 30 -11.66 16.70 14.96
CA GLN B 30 -13.09 16.76 15.23
C GLN B 30 -13.48 15.90 16.42
N ALA B 31 -12.98 14.66 16.45
CA ALA B 31 -13.23 13.75 17.57
C ALA B 31 -12.71 14.30 18.90
N LEU B 32 -11.49 14.85 18.88
CA LEU B 32 -10.91 15.38 20.11
C LEU B 32 -11.68 16.61 20.62
N ALA B 33 -12.19 17.41 19.70
CA ALA B 33 -12.97 18.58 20.07
C ALA B 33 -14.26 18.17 20.78
N GLU B 34 -14.88 17.08 20.33
CA GLU B 34 -16.10 16.58 20.97
C GLU B 34 -15.77 16.09 22.39
N LEU B 35 -14.64 15.40 22.53
CA LEU B 35 -14.20 14.92 23.83
C LEU B 35 -13.71 16.03 24.76
N ALA B 36 -13.34 17.16 24.18
CA ALA B 36 -12.81 18.27 24.97
C ALA B 36 -13.90 18.91 25.82
N LYS B 37 -15.15 18.81 25.37
CA LYS B 37 -16.28 19.39 26.09
C LYS B 37 -16.51 18.64 27.41
N PRO B 38 -16.67 19.39 28.51
CA PRO B 38 -16.96 18.73 29.77
C PRO B 38 -18.24 17.92 29.62
N LYS B 39 -18.34 16.81 30.36
CA LYS B 39 -19.49 15.93 30.22
C LYS B 39 -20.79 16.63 30.61
N ASP B 40 -20.68 17.70 31.39
CA ASP B 40 -21.86 18.46 31.84
C ASP B 40 -22.18 19.68 30.95
N ASP B 41 -21.34 19.94 29.95
CA ASP B 41 -21.57 20.99 28.97
C ASP B 41 -22.89 20.69 28.25
N PRO B 42 -23.78 21.70 28.15
CA PRO B 42 -25.06 21.49 27.49
C PRO B 42 -24.92 21.10 26.01
N THR B 43 -23.80 21.47 25.39
CA THR B 43 -23.59 21.13 23.98
C THR B 43 -22.80 19.82 23.81
N ARG B 44 -22.47 19.17 24.93
CA ARG B 44 -21.73 17.91 24.91
C ARG B 44 -22.56 16.79 24.28
N LYS B 45 -21.97 16.07 23.33
CA LYS B 45 -22.64 14.94 22.73
C LYS B 45 -22.18 13.64 23.40
N HIS B 46 -22.96 12.57 23.22
CA HIS B 46 -22.52 11.25 23.60
C HIS B 46 -21.46 10.82 22.59
N VAL B 47 -20.30 10.43 23.09
CA VAL B 47 -19.20 10.05 22.23
C VAL B 47 -18.78 8.63 22.60
N CYS B 48 -18.77 7.75 21.62
CA CYS B 48 -18.38 6.36 21.85
C CYS B 48 -17.28 5.97 20.88
N VAL B 49 -16.57 4.91 21.23
CA VAL B 49 -15.49 4.42 20.41
C VAL B 49 -15.62 2.91 20.24
N GLN B 50 -15.22 2.40 19.08
CA GLN B 50 -15.10 0.96 18.88
C GLN B 50 -13.68 0.66 18.42
N VAL B 51 -13.15 -0.48 18.85
CA VAL B 51 -11.74 -0.79 18.56
C VAL B 51 -11.54 -2.15 17.92
N ALA B 52 -10.79 -2.17 16.83
CA ALA B 52 -10.46 -3.40 16.11
C ALA B 52 -9.35 -4.19 16.82
N PRO B 53 -9.43 -5.53 16.78
CA PRO B 53 -8.38 -6.39 17.35
C PRO B 53 -6.97 -6.07 16.85
N ALA B 54 -6.81 -5.76 15.57
CA ALA B 54 -5.50 -5.45 15.00
C ALA B 54 -4.87 -4.19 15.62
N VAL B 55 -5.72 -3.27 16.06
CA VAL B 55 -5.25 -2.09 16.82
C VAL B 55 -4.78 -2.49 18.21
N ARG B 56 -5.60 -3.28 18.89
CA ARG B 56 -5.30 -3.65 20.27
CA ARG B 56 -5.31 -3.73 20.27
C ARG B 56 -3.94 -4.37 20.39
N VAL B 57 -3.61 -5.21 19.42
CA VAL B 57 -2.35 -5.94 19.46
C VAL B 57 -1.13 -5.06 19.10
N ALA B 58 -1.35 -4.06 18.25
CA ALA B 58 -0.24 -3.25 17.73
C ALA B 58 0.02 -1.98 18.53
N ILE B 59 -0.97 -1.53 19.28
CA ILE B 59 -0.85 -0.27 20.02
C ILE B 59 0.35 -0.23 20.99
N ALA B 60 0.69 -1.37 21.58
CA ALA B 60 1.86 -1.40 22.47
C ALA B 60 3.15 -0.94 21.77
N GLU B 61 3.22 -1.21 20.47
CA GLU B 61 4.38 -0.80 19.68
C GLU B 61 4.60 0.71 19.67
N THR B 62 3.53 1.50 19.81
CA THR B 62 3.67 2.95 19.79
C THR B 62 4.44 3.46 21.02
N LEU B 63 4.63 2.57 21.99
CA LEU B 63 5.41 2.86 23.19
C LEU B 63 6.78 2.19 23.12
N GLY B 64 7.09 1.60 21.97
CA GLY B 64 8.35 0.89 21.80
C GLY B 64 8.34 -0.49 22.44
N LEU B 65 7.16 -1.04 22.66
CA LEU B 65 7.07 -2.37 23.24
C LEU B 65 6.68 -3.40 22.19
N ALA B 66 6.65 -4.68 22.59
CA ALA B 66 6.29 -5.77 21.68
C ALA B 66 4.80 -5.79 21.44
N PRO B 67 4.37 -6.34 20.28
CA PRO B 67 2.94 -6.51 20.03
C PRO B 67 2.30 -7.28 21.17
N GLY B 68 1.13 -6.83 21.62
CA GLY B 68 0.42 -7.48 22.71
C GLY B 68 0.99 -7.26 24.09
N ALA B 69 1.95 -6.34 24.24
CA ALA B 69 2.53 -6.05 25.55
C ALA B 69 1.56 -5.26 26.45
N THR B 70 0.53 -4.68 25.85
CA THR B 70 -0.53 -4.05 26.62
C THR B 70 -1.82 -4.85 26.43
N THR B 71 -2.62 -4.93 27.50
CA THR B 71 -3.80 -5.77 27.49
C THR B 71 -4.99 -5.05 26.84
N PRO B 72 -5.99 -5.82 26.37
CA PRO B 72 -7.23 -5.22 25.89
C PRO B 72 -7.85 -4.24 26.88
N LYS B 73 -7.87 -4.60 28.17
CA LYS B 73 -8.53 -3.75 29.17
C LYS B 73 -7.72 -2.51 29.55
N GLN B 74 -6.40 -2.57 29.40
CA GLN B 74 -5.57 -1.37 29.52
C GLN B 74 -5.93 -0.37 28.41
N LEU B 75 -6.11 -0.87 27.19
CA LEU B 75 -6.57 -0.01 26.10
C LEU B 75 -7.96 0.56 26.40
N ALA B 76 -8.87 -0.27 26.90
CA ALA B 76 -10.20 0.25 27.23
C ALA B 76 -10.10 1.37 28.26
N GLU B 77 -9.24 1.21 29.26
CA GLU B 77 -9.04 2.25 30.26
C GLU B 77 -8.49 3.53 29.64
N GLY B 78 -7.45 3.39 28.82
CA GLY B 78 -6.87 4.53 28.10
C GLY B 78 -7.91 5.32 27.33
N LEU B 79 -8.78 4.62 26.61
CA LEU B 79 -9.80 5.30 25.83
C LEU B 79 -10.79 6.04 26.71
N ARG B 80 -11.15 5.44 27.84
CA ARG B 80 -12.07 6.08 28.76
C ARG B 80 -11.47 7.36 29.32
N ARG B 81 -10.16 7.36 29.56
CA ARG B 81 -9.46 8.54 30.05
C ARG B 81 -9.39 9.67 29.02
N LEU B 82 -9.66 9.36 27.75
CA LEU B 82 -9.78 10.41 26.73
C LEU B 82 -11.16 11.07 26.77
N GLY B 83 -12.09 10.47 27.50
CA GLY B 83 -13.42 11.07 27.67
C GLY B 83 -14.55 10.35 26.95
N PHE B 84 -14.26 9.21 26.35
CA PHE B 84 -15.29 8.40 25.70
C PHE B 84 -16.32 7.89 26.71
N ASP B 85 -17.60 8.03 26.35
CA ASP B 85 -18.71 7.59 27.19
C ASP B 85 -18.92 6.08 27.14
N GLU B 86 -18.71 5.49 25.96
CA GLU B 86 -18.74 4.03 25.82
C GLU B 86 -17.55 3.55 25.03
N VAL B 87 -17.04 2.39 25.41
CA VAL B 87 -15.89 1.80 24.73
C VAL B 87 -16.27 0.39 24.30
N PHE B 88 -16.33 0.19 22.98
CA PHE B 88 -16.83 -1.05 22.39
C PHE B 88 -15.74 -1.86 21.69
N ASP B 89 -15.94 -3.17 21.64
CA ASP B 89 -15.09 -4.08 20.87
C ASP B 89 -15.72 -4.30 19.49
N THR B 90 -14.97 -3.99 18.43
CA THR B 90 -15.47 -4.20 17.07
C THR B 90 -15.84 -5.67 16.80
N LEU B 91 -15.33 -6.59 17.63
CA LEU B 91 -15.73 -8.00 17.50
C LEU B 91 -17.23 -8.21 17.63
N PHE B 92 -17.92 -7.30 18.31
CA PHE B 92 -19.37 -7.40 18.41
C PHE B 92 -19.97 -7.20 17.01
N GLY B 93 -19.48 -6.17 16.32
CA GLY B 93 -19.85 -5.93 14.93
C GLY B 93 -19.52 -7.14 14.06
N ALA B 94 -18.38 -7.76 14.31
CA ALA B 94 -18.00 -8.95 13.54
C ALA B 94 -18.94 -10.14 13.76
N ASP B 95 -19.52 -10.26 14.95
CA ASP B 95 -20.53 -11.30 15.19
C ASP B 95 -21.74 -11.06 14.29
N LEU B 96 -22.12 -9.79 14.11
CA LEU B 96 -23.20 -9.42 13.18
C LEU B 96 -22.82 -9.75 11.73
N THR B 97 -21.59 -9.47 11.34
CA THR B 97 -21.15 -9.75 9.97
C THR B 97 -21.14 -11.25 9.70
N ILE B 98 -20.71 -12.02 10.70
CA ILE B 98 -20.73 -13.47 10.60
C ILE B 98 -22.17 -14.00 10.44
N MET B 99 -23.11 -13.47 11.23
CA MET B 99 -24.51 -13.86 11.12
C MET B 99 -25.07 -13.59 9.72
N GLU B 100 -24.84 -12.38 9.22
CA GLU B 100 -25.40 -11.99 7.93
C GLU B 100 -24.69 -12.67 6.78
N GLU B 101 -23.36 -12.71 6.81
CA GLU B 101 -22.62 -13.28 5.70
C GLU B 101 -22.69 -14.81 5.63
N GLY B 102 -22.70 -15.46 6.79
CA GLY B 102 -22.93 -16.91 6.83
C GLY B 102 -24.29 -17.25 6.23
N SER B 103 -25.30 -16.47 6.59
CA SER B 103 -26.64 -16.69 6.06
C SER B 103 -26.70 -16.39 4.56
N GLU B 104 -26.01 -15.33 4.13
CA GLU B 104 -26.01 -14.95 2.72
C GLU B 104 -25.39 -16.06 1.87
N LEU B 105 -24.25 -16.57 2.32
CA LEU B 105 -23.55 -17.65 1.64
C LEU B 105 -24.45 -18.88 1.49
N LEU B 106 -25.11 -19.26 2.59
CA LEU B 106 -25.99 -20.42 2.55
C LEU B 106 -27.18 -20.17 1.63
N HIS B 107 -27.69 -18.95 1.62
CA HIS B 107 -28.81 -18.60 0.77
C HIS B 107 -28.43 -18.73 -0.70
N ARG B 108 -27.25 -18.23 -1.06
CA ARG B 108 -26.77 -18.30 -2.43
C ARG B 108 -26.53 -19.75 -2.84
N LEU B 109 -26.04 -20.55 -1.91
CA LEU B 109 -25.80 -21.96 -2.18
C LEU B 109 -27.12 -22.68 -2.39
N THR B 110 -28.09 -22.42 -1.51
CA THR B 110 -29.42 -23.03 -1.60
C THR B 110 -30.11 -22.74 -2.93
N GLU B 111 -30.08 -21.48 -3.35
CA GLU B 111 -30.71 -21.06 -4.59
C GLU B 111 -30.06 -21.77 -5.78
N HIS B 112 -28.74 -21.87 -5.73
CA HIS B 112 -27.99 -22.54 -6.79
C HIS B 112 -28.20 -24.06 -6.81
N LEU B 113 -28.52 -24.64 -5.66
CA LEU B 113 -28.84 -26.07 -5.60
C LEU B 113 -30.23 -26.40 -6.12
N GLU B 114 -31.19 -25.51 -5.88
CA GLU B 114 -32.54 -25.72 -6.38
C GLU B 114 -32.70 -25.22 -7.82
N ALA B 115 -31.58 -24.78 -8.40
CA ALA B 115 -31.55 -24.28 -9.78
C ALA B 115 -32.56 -23.16 -10.02
N GLU B 121 -27.91 -12.48 -7.29
CA GLU B 121 -27.01 -12.99 -6.27
C GLU B 121 -26.34 -14.32 -6.66
N PRO B 122 -25.47 -14.27 -7.69
CA PRO B 122 -24.78 -15.45 -8.23
C PRO B 122 -23.64 -15.95 -7.35
N LEU B 123 -23.13 -17.13 -7.70
CA LEU B 123 -21.85 -17.61 -7.21
C LEU B 123 -20.86 -17.49 -8.35
N PRO B 124 -19.56 -17.34 -8.04
CA PRO B 124 -18.97 -17.30 -6.71
C PRO B 124 -19.29 -16.02 -5.93
N MET B 125 -19.15 -16.08 -4.62
CA MET B 125 -19.38 -14.92 -3.78
C MET B 125 -18.05 -14.34 -3.30
N PHE B 126 -17.93 -13.01 -3.30
CA PHE B 126 -16.74 -12.33 -2.77
C PHE B 126 -17.09 -11.66 -1.45
N THR B 127 -16.16 -11.67 -0.51
CA THR B 127 -16.33 -10.91 0.75
C THR B 127 -16.27 -9.41 0.47
N SER B 128 -16.72 -8.60 1.42
CA SER B 128 -16.87 -7.17 1.18
C SER B 128 -16.30 -6.27 2.27
N CYS B 129 -15.47 -6.82 3.15
CA CYS B 129 -15.04 -6.06 4.32
CA CYS B 129 -15.00 -6.10 4.33
CA CYS B 129 -15.01 -6.10 4.33
C CYS B 129 -13.85 -5.14 4.07
N CYS B 130 -13.04 -5.44 3.07
CA CYS B 130 -11.90 -4.55 2.75
C CYS B 130 -12.31 -3.47 1.77
N PRO B 131 -12.27 -2.19 2.22
CA PRO B 131 -12.62 -1.08 1.32
C PRO B 131 -11.64 -0.88 0.18
N GLY B 132 -10.40 -1.34 0.35
CA GLY B 132 -9.44 -1.34 -0.76
C GLY B 132 -9.91 -2.22 -1.90
N TRP B 133 -10.43 -3.40 -1.55
CA TRP B 133 -11.04 -4.30 -2.53
C TRP B 133 -12.28 -3.67 -3.14
N ILE B 134 -13.15 -3.14 -2.29
CA ILE B 134 -14.39 -2.52 -2.76
C ILE B 134 -14.10 -1.37 -3.75
N ALA B 135 -13.08 -0.57 -3.47
CA ALA B 135 -12.73 0.53 -4.38
C ALA B 135 -12.26 0.01 -5.75
N MET B 136 -11.46 -1.04 -5.75
CA MET B 136 -10.96 -1.62 -7.00
C MET B 136 -12.09 -2.29 -7.78
N LEU B 137 -12.97 -2.94 -7.03
CA LEU B 137 -14.18 -3.56 -7.57
C LEU B 137 -15.02 -2.55 -8.35
N GLU B 138 -15.32 -1.42 -7.73
CA GLU B 138 -16.21 -0.44 -8.35
C GLU B 138 -15.57 0.26 -9.55
N LYS B 139 -14.29 0.56 -9.43
CA LYS B 139 -13.56 1.27 -10.48
C LYS B 139 -13.17 0.36 -11.65
N SER B 140 -12.58 -0.79 -11.34
CA SER B 140 -11.95 -1.64 -12.36
C SER B 140 -12.70 -2.92 -12.70
N TYR B 141 -13.64 -3.34 -11.85
CA TYR B 141 -14.39 -4.58 -12.08
C TYR B 141 -15.88 -4.44 -11.82
N PRO B 142 -16.51 -3.39 -12.36
CA PRO B 142 -17.91 -3.15 -12.05
C PRO B 142 -18.83 -4.32 -12.44
N ASP B 143 -18.39 -5.15 -13.38
CA ASP B 143 -19.17 -6.31 -13.81
CA ASP B 143 -19.20 -6.29 -13.79
C ASP B 143 -19.19 -7.41 -12.74
N LEU B 144 -18.31 -7.31 -11.76
CA LEU B 144 -18.26 -8.32 -10.69
C LEU B 144 -19.14 -7.92 -9.50
N ILE B 145 -19.79 -6.77 -9.58
CA ILE B 145 -20.57 -6.25 -8.45
C ILE B 145 -21.65 -7.22 -7.93
N PRO B 146 -22.41 -7.86 -8.84
CA PRO B 146 -23.43 -8.81 -8.38
C PRO B 146 -22.88 -9.98 -7.56
N TYR B 147 -21.61 -10.32 -7.76
CA TYR B 147 -20.99 -11.45 -7.06
C TYR B 147 -20.51 -11.09 -5.65
N VAL B 148 -20.44 -9.79 -5.35
CA VAL B 148 -19.91 -9.35 -4.06
C VAL B 148 -20.98 -9.40 -2.98
N SER B 149 -20.59 -9.88 -1.79
CA SER B 149 -21.49 -9.91 -0.64
C SER B 149 -22.09 -8.53 -0.38
N SER B 150 -23.40 -8.49 -0.10
CA SER B 150 -24.05 -7.22 0.24
C SER B 150 -23.85 -6.80 1.70
N CYS B 151 -23.04 -7.55 2.45
CA CYS B 151 -22.78 -7.21 3.85
C CYS B 151 -21.91 -5.95 4.02
N LYS B 152 -22.28 -5.13 5.00
CA LYS B 152 -21.40 -4.08 5.47
C LYS B 152 -20.28 -4.72 6.31
N SER B 153 -19.23 -3.95 6.57
CA SER B 153 -18.12 -4.41 7.40
C SER B 153 -18.53 -4.49 8.88
N PRO B 154 -17.75 -5.22 9.70
CA PRO B 154 -17.98 -5.22 11.14
C PRO B 154 -18.10 -3.83 11.75
N GLN B 155 -17.21 -2.89 11.41
CA GLN B 155 -17.29 -1.55 12.01
C GLN B 155 -18.58 -0.83 11.62
N MET B 156 -19.00 -0.96 10.36
CA MET B 156 -20.23 -0.33 9.89
C MET B 156 -21.50 -0.98 10.45
N MET B 157 -21.46 -2.30 10.64
CA MET B 157 -22.57 -2.98 11.29
C MET B 157 -22.72 -2.54 12.75
N LEU B 158 -21.62 -2.52 13.50
CA LEU B 158 -21.68 -2.03 14.87
C LEU B 158 -22.15 -0.58 14.93
N ALA B 159 -21.65 0.26 14.03
CA ALA B 159 -22.05 1.68 14.00
C ALA B 159 -23.54 1.85 13.73
N ALA B 160 -24.06 1.11 12.74
CA ALA B 160 -25.49 1.18 12.41
C ALA B 160 -26.35 0.74 13.59
N MET B 161 -25.91 -0.32 14.26
CA MET B 161 -26.61 -0.86 15.43
C MET B 161 -26.67 0.15 16.57
N VAL B 162 -25.55 0.81 16.83
CA VAL B 162 -25.47 1.77 17.94
C VAL B 162 -26.34 3.01 17.72
N LYS B 163 -26.41 3.49 16.47
CA LYS B 163 -27.16 4.71 16.18
C LYS B 163 -28.66 4.43 15.98
N SER B 164 -29.02 3.15 15.96
CA SER B 164 -30.42 2.75 15.84
C SER B 164 -30.89 2.09 17.13
N TYR B 165 -30.56 0.81 17.32
CA TYR B 165 -30.93 0.05 18.51
C TYR B 165 -30.59 0.73 19.85
N LEU B 166 -29.29 0.97 20.07
CA LEU B 166 -28.85 1.53 21.33
C LEU B 166 -29.39 2.94 21.57
N ALA B 167 -29.41 3.76 20.54
CA ALA B 167 -30.00 5.10 20.64
C ALA B 167 -31.44 5.02 21.16
N GLU B 168 -32.24 4.14 20.55
CA GLU B 168 -33.62 3.92 21.00
C GLU B 168 -33.70 3.45 22.44
N LYS B 169 -32.88 2.46 22.78
CA LYS B 169 -32.90 1.89 24.12
C LYS B 169 -32.60 2.94 25.18
N LYS B 170 -31.67 3.85 24.87
CA LYS B 170 -31.18 4.81 25.84
C LYS B 170 -31.99 6.11 25.84
N GLY B 171 -32.89 6.24 24.88
CA GLY B 171 -33.65 7.47 24.71
C GLY B 171 -32.79 8.63 24.26
N ILE B 172 -31.82 8.35 23.40
CA ILE B 172 -30.89 9.36 22.89
C ILE B 172 -31.11 9.56 21.39
N ALA B 173 -31.25 10.82 20.97
CA ALA B 173 -31.34 11.14 19.56
C ALA B 173 -29.99 10.92 18.88
N PRO B 174 -29.98 10.21 17.74
CA PRO B 174 -28.78 9.97 16.94
C PRO B 174 -27.96 11.24 16.65
N LYS B 175 -28.63 12.37 16.50
CA LYS B 175 -27.93 13.63 16.29
C LYS B 175 -27.04 14.01 17.47
N ASP B 176 -27.32 13.44 18.64
CA ASP B 176 -26.56 13.74 19.84
C ASP B 176 -25.51 12.67 20.17
N MET B 177 -25.20 11.84 19.18
CA MET B 177 -24.16 10.83 19.37
C MET B 177 -23.11 10.84 18.28
N VAL B 178 -21.85 10.74 18.71
CA VAL B 178 -20.72 10.71 17.81
C VAL B 178 -20.05 9.35 18.00
N MET B 179 -19.83 8.63 16.90
CA MET B 179 -19.09 7.37 17.01
C MET B 179 -17.73 7.46 16.34
N VAL B 180 -16.72 6.98 17.05
CA VAL B 180 -15.36 6.93 16.55
C VAL B 180 -14.94 5.47 16.46
N SER B 181 -14.19 5.12 15.42
CA SER B 181 -13.56 3.81 15.38
C SER B 181 -12.05 3.94 15.31
N ILE B 182 -11.35 3.03 15.99
CA ILE B 182 -9.92 2.91 15.85
C ILE B 182 -9.63 1.69 14.98
N MET B 183 -8.90 1.93 13.89
CA MET B 183 -8.67 0.92 12.85
C MET B 183 -7.18 0.86 12.49
N PRO B 184 -6.70 -0.29 11.98
CA PRO B 184 -5.30 -0.39 11.56
C PRO B 184 -5.15 0.12 10.15
N CYS B 185 -6.18 0.81 9.67
CA CYS B 185 -6.39 0.97 8.25
C CYS B 185 -6.59 2.43 7.87
N THR B 186 -5.95 2.85 6.79
CA THR B 186 -6.07 4.21 6.28
C THR B 186 -7.29 4.38 5.35
N ARG B 187 -7.99 3.28 5.04
CA ARG B 187 -9.10 3.33 4.08
C ARG B 187 -10.49 3.24 4.74
N LYS B 188 -10.52 3.03 6.05
CA LYS B 188 -11.77 2.81 6.77
C LYS B 188 -12.62 4.08 6.88
N GLN B 189 -11.99 5.25 6.84
CA GLN B 189 -12.77 6.49 6.78
C GLN B 189 -13.54 6.62 5.46
N SER B 190 -12.92 6.26 4.35
CA SER B 190 -13.61 6.30 3.05
C SER B 190 -14.80 5.34 3.04
N GLU B 191 -14.65 4.21 3.72
CA GLU B 191 -15.75 3.27 3.89
C GLU B 191 -16.88 3.93 4.68
N ALA B 192 -16.53 4.51 5.83
CA ALA B 192 -17.52 5.17 6.68
C ALA B 192 -18.21 6.33 5.95
N ASP B 193 -17.51 6.94 4.99
CA ASP B 193 -18.01 8.14 4.30
C ASP B 193 -18.99 7.86 3.15
N ARG B 194 -19.20 6.59 2.81
CA ARG B 194 -20.16 6.28 1.74
C ARG B 194 -21.51 6.91 2.07
N ASP B 195 -22.05 7.67 1.12
CA ASP B 195 -23.16 8.60 1.36
C ASP B 195 -24.34 8.02 2.11
N TRP B 196 -24.76 6.82 1.71
CA TRP B 196 -25.99 6.24 2.25
C TRP B 196 -25.83 5.59 3.63
N PHE B 197 -24.59 5.58 4.13
CA PHE B 197 -24.34 5.11 5.49
C PHE B 197 -24.76 6.19 6.50
N CYS B 198 -26.02 6.60 6.40
CA CYS B 198 -26.56 7.70 7.18
C CYS B 198 -27.66 7.19 8.11
N VAL B 199 -28.00 7.98 9.13
CA VAL B 199 -29.03 7.55 10.08
C VAL B 199 -30.41 8.08 9.70
N ASP B 200 -31.36 7.17 9.51
CA ASP B 200 -32.67 7.47 8.93
C ASP B 200 -32.56 8.07 7.53
N THR B 204 -26.18 13.79 6.36
CA THR B 204 -25.93 14.68 7.50
C THR B 204 -25.65 13.90 8.80
N LEU B 205 -26.55 12.97 9.13
CA LEU B 205 -26.35 12.08 10.27
C LEU B 205 -25.56 10.85 9.83
N ARG B 206 -24.31 10.75 10.27
CA ARG B 206 -23.45 9.63 9.89
C ARG B 206 -23.61 8.47 10.87
N GLN B 207 -23.63 7.24 10.37
CA GLN B 207 -23.61 6.07 11.24
C GLN B 207 -22.26 5.98 11.97
N LEU B 208 -21.18 6.18 11.22
CA LEU B 208 -19.83 6.21 11.81
C LEU B 208 -19.13 7.51 11.39
N ASP B 209 -18.85 8.36 12.37
CA ASP B 209 -18.42 9.74 12.13
C ASP B 209 -16.93 9.87 11.82
N HIS B 210 -16.09 9.26 12.66
CA HIS B 210 -14.66 9.49 12.58
C HIS B 210 -13.89 8.18 12.73
N VAL B 211 -12.87 8.00 11.89
CA VAL B 211 -11.97 6.86 12.01
C VAL B 211 -10.59 7.40 12.39
N ILE B 212 -9.98 6.77 13.39
CA ILE B 212 -8.64 7.13 13.84
C ILE B 212 -7.78 5.88 13.68
N THR B 213 -6.52 6.02 13.28
CA THR B 213 -5.67 4.84 13.12
C THR B 213 -4.93 4.48 14.39
N THR B 214 -4.36 3.27 14.41
CA THR B 214 -3.53 2.84 15.53
C THR B 214 -2.46 3.87 15.89
N VAL B 215 -1.73 4.36 14.88
CA VAL B 215 -0.63 5.30 15.16
C VAL B 215 -1.11 6.67 15.62
N GLU B 216 -2.21 7.15 15.04
CA GLU B 216 -2.82 8.40 15.47
C GLU B 216 -3.26 8.32 16.93
N LEU B 217 -3.88 7.21 17.31
CA LEU B 217 -4.30 7.01 18.69
C LEU B 217 -3.07 6.93 19.60
N GLY B 218 -2.06 6.19 19.16
CA GLY B 218 -0.82 6.09 19.94
C GLY B 218 -0.21 7.46 20.21
N ASN B 219 -0.22 8.33 19.19
CA ASN B 219 0.26 9.70 19.32
C ASN B 219 -0.59 10.51 20.28
N ILE B 220 -1.91 10.35 20.22
CA ILE B 220 -2.79 11.03 21.15
C ILE B 220 -2.44 10.69 22.61
N PHE B 221 -2.29 9.39 22.90
CA PHE B 221 -1.89 8.96 24.24
C PHE B 221 -0.55 9.56 24.66
N LYS B 222 0.44 9.49 23.78
CA LYS B 222 1.77 10.01 24.11
C LYS B 222 1.74 11.52 24.37
N GLU B 223 0.96 12.26 23.58
CA GLU B 223 0.86 13.71 23.74
C GLU B 223 0.16 14.11 25.03
N ARG B 224 -0.60 13.18 25.59
CA ARG B 224 -1.34 13.44 26.83
C ARG B 224 -0.65 12.83 28.04
N GLY B 225 0.51 12.21 27.83
CA GLY B 225 1.24 11.57 28.93
C GLY B 225 0.58 10.31 29.44
N ILE B 226 -0.27 9.71 28.61
CA ILE B 226 -0.89 8.44 28.91
C ILE B 226 0.01 7.30 28.44
N ASN B 227 0.50 6.50 29.39
CA ASN B 227 1.30 5.31 29.09
C ASN B 227 0.45 4.09 29.34
N LEU B 228 -0.03 3.47 28.26
CA LEU B 228 -0.97 2.36 28.36
C LEU B 228 -0.47 1.22 29.24
N ALA B 229 0.82 0.94 29.17
CA ALA B 229 1.42 -0.16 29.95
C ALA B 229 1.32 0.03 31.47
N GLU B 230 1.16 1.28 31.90
CA GLU B 230 1.07 1.60 33.33
C GLU B 230 -0.37 1.79 33.83
N LEU B 231 -1.34 1.53 32.98
CA LEU B 231 -2.74 1.72 33.36
C LEU B 231 -3.32 0.50 34.06
N PRO B 232 -4.30 0.73 34.95
CA PRO B 232 -5.05 -0.39 35.52
C PRO B 232 -5.94 -0.99 34.44
N GLU B 233 -6.51 -2.17 34.72
CA GLU B 233 -7.42 -2.81 33.80
C GLU B 233 -8.75 -2.07 33.86
N GLY B 234 -9.25 -1.66 32.70
CA GLY B 234 -10.56 -1.03 32.62
C GLY B 234 -11.60 -2.07 32.24
N GLU B 235 -12.70 -1.64 31.64
CA GLU B 235 -13.67 -2.60 31.11
C GLU B 235 -14.37 -2.08 29.87
N TRP B 236 -14.90 -3.01 29.08
CA TRP B 236 -15.62 -2.69 27.87
C TRP B 236 -17.08 -2.42 28.17
N ASP B 237 -17.76 -1.77 27.24
CA ASP B 237 -19.20 -1.61 27.31
C ASP B 237 -19.84 -2.57 26.33
N ASN B 238 -21.06 -2.99 26.63
CA ASN B 238 -21.84 -3.83 25.75
C ASN B 238 -22.73 -2.95 24.89
N PRO B 239 -22.64 -3.11 23.55
CA PRO B 239 -23.45 -2.31 22.63
C PRO B 239 -24.95 -2.52 22.83
N MET B 240 -25.33 -3.56 23.57
CA MET B 240 -26.73 -3.83 23.91
C MET B 240 -27.24 -2.91 25.01
N GLY B 241 -26.31 -2.27 25.74
CA GLY B 241 -26.67 -1.26 26.74
C GLY B 241 -27.08 -1.84 28.09
N VAL B 242 -26.89 -3.13 28.25
CA VAL B 242 -27.19 -3.82 29.51
C VAL B 242 -26.10 -4.82 29.84
N GLY B 243 -25.93 -5.13 31.12
CA GLY B 243 -24.96 -6.13 31.55
C GLY B 243 -23.54 -5.62 31.48
N SER B 244 -22.58 -6.49 31.81
CA SER B 244 -21.18 -6.11 31.84
C SER B 244 -20.41 -6.75 30.69
N GLY B 245 -19.23 -6.21 30.39
CA GLY B 245 -18.36 -6.78 29.37
C GLY B 245 -18.66 -6.30 27.96
N ALA B 246 -17.92 -6.84 26.99
CA ALA B 246 -17.97 -6.39 25.60
C ALA B 246 -19.14 -6.94 24.78
N GLY B 247 -19.89 -7.89 25.34
CA GLY B 247 -21.03 -8.47 24.63
C GLY B 247 -20.62 -9.52 23.61
N VAL B 248 -19.40 -10.02 23.76
CA VAL B 248 -18.83 -11.06 22.93
C VAL B 248 -18.42 -12.20 23.88
N LEU B 249 -18.64 -13.45 23.48
CA LEU B 249 -18.27 -14.57 24.35
C LEU B 249 -16.77 -14.85 24.36
N PHE B 250 -16.33 -15.71 25.28
CA PHE B 250 -14.95 -16.13 25.37
C PHE B 250 -14.58 -17.01 24.16
N GLY B 251 -13.39 -16.81 23.61
CA GLY B 251 -12.91 -17.64 22.52
C GLY B 251 -12.69 -16.92 21.20
N THR B 252 -12.43 -17.68 20.15
CA THR B 252 -12.13 -17.12 18.83
C THR B 252 -12.98 -17.79 17.76
N THR B 253 -13.30 -17.03 16.72
CA THR B 253 -14.13 -17.52 15.63
C THR B 253 -13.29 -17.95 14.44
N GLY B 254 -12.05 -17.51 14.40
CA GLY B 254 -11.18 -17.72 13.24
C GLY B 254 -11.32 -16.59 12.22
N GLY B 255 -12.11 -15.58 12.57
CA GLY B 255 -12.33 -14.44 11.67
C GLY B 255 -13.62 -14.57 10.89
N VAL B 256 -14.06 -13.47 10.29
CA VAL B 256 -15.35 -13.41 9.59
C VAL B 256 -15.51 -14.44 8.47
N MET B 257 -14.49 -14.59 7.60
CA MET B 257 -14.64 -15.49 6.47
C MET B 257 -14.77 -16.94 6.92
N GLU B 258 -13.87 -17.39 7.78
CA GLU B 258 -13.96 -18.75 8.31
C GLU B 258 -15.27 -18.96 9.07
N ALA B 259 -15.66 -17.99 9.87
CA ALA B 259 -16.88 -18.14 10.68
C ALA B 259 -18.16 -18.12 9.84
N ALA B 260 -18.18 -17.32 8.77
CA ALA B 260 -19.28 -17.34 7.83
C ALA B 260 -19.34 -18.71 7.14
N LEU B 261 -18.18 -19.22 6.74
CA LEU B 261 -18.11 -20.57 6.18
C LEU B 261 -18.63 -21.60 7.19
N ARG B 262 -18.23 -21.44 8.45
CA ARG B 262 -18.66 -22.36 9.52
C ARG B 262 -20.17 -22.33 9.70
N THR B 263 -20.74 -21.14 9.70
CA THR B 263 -22.19 -20.98 9.79
C THR B 263 -22.89 -21.82 8.72
N ALA B 264 -22.48 -21.63 7.46
CA ALA B 264 -23.07 -22.35 6.33
C ALA B 264 -22.84 -23.87 6.41
N TYR B 265 -21.61 -24.26 6.70
CA TYR B 265 -21.22 -25.66 6.78
C TYR B 265 -21.99 -26.43 7.85
N GLU B 266 -22.09 -25.83 9.04
CA GLU B 266 -22.70 -26.54 10.16
C GLU B 266 -24.21 -26.70 9.98
N LEU B 267 -24.87 -25.69 9.43
CA LEU B 267 -26.29 -25.83 9.08
C LEU B 267 -26.49 -26.85 7.95
N PHE B 268 -25.61 -26.82 6.94
CA PHE B 268 -25.69 -27.73 5.79
C PHE B 268 -25.48 -29.19 6.20
N THR B 269 -24.46 -29.45 7.02
CA THR B 269 -24.01 -30.81 7.28
C THR B 269 -24.45 -31.41 8.63
N GLY B 270 -24.77 -30.56 9.60
CA GLY B 270 -25.06 -31.03 10.95
C GLY B 270 -23.80 -31.47 11.69
N THR B 271 -22.64 -31.12 11.15
CA THR B 271 -21.35 -31.47 11.76
C THR B 271 -20.48 -30.21 11.93
N PRO B 272 -19.60 -30.20 12.95
CA PRO B 272 -18.78 -29.01 13.21
C PRO B 272 -17.69 -28.80 12.18
N LEU B 273 -17.40 -27.53 11.87
CA LEU B 273 -16.27 -27.20 11.00
C LEU B 273 -15.07 -26.86 11.88
N PRO B 274 -13.96 -27.61 11.73
CA PRO B 274 -12.76 -27.33 12.52
C PRO B 274 -12.11 -26.03 12.02
N ARG B 275 -11.14 -25.52 12.78
CA ARG B 275 -10.36 -24.38 12.32
C ARG B 275 -9.73 -24.74 10.99
N LEU B 276 -9.77 -23.80 10.05
CA LEU B 276 -9.27 -24.05 8.70
C LEU B 276 -7.76 -23.90 8.58
N SER B 277 -7.16 -24.73 7.72
CA SER B 277 -5.76 -24.55 7.34
C SER B 277 -5.68 -24.31 5.84
N LEU B 278 -5.40 -23.06 5.47
CA LEU B 278 -5.28 -22.71 4.06
C LEU B 278 -3.90 -23.10 3.54
N SER B 279 -3.84 -23.52 2.28
CA SER B 279 -2.55 -23.86 1.67
C SER B 279 -2.24 -22.92 0.50
N GLU B 280 -0.96 -22.61 0.33
CA GLU B 280 -0.53 -21.72 -0.74
C GLU B 280 -0.83 -22.34 -2.10
N VAL B 281 -1.30 -21.49 -3.02
CA VAL B 281 -1.59 -21.94 -4.37
C VAL B 281 -0.34 -21.81 -5.22
N ARG B 282 -0.03 -22.86 -5.97
CA ARG B 282 1.19 -22.89 -6.80
C ARG B 282 1.05 -21.99 -8.02
N GLY B 283 2.05 -21.14 -8.24
CA GLY B 283 2.08 -20.27 -9.41
C GLY B 283 1.19 -19.05 -9.32
N MET B 284 0.75 -18.72 -8.10
CA MET B 284 -0.05 -17.52 -7.87
C MET B 284 0.27 -16.91 -6.52
N ASP B 285 1.06 -15.85 -6.55
CA ASP B 285 1.50 -15.17 -5.34
C ASP B 285 0.33 -14.60 -4.56
N GLY B 286 0.42 -14.66 -3.24
CA GLY B 286 -0.58 -14.05 -2.37
C GLY B 286 -1.93 -14.75 -2.33
N ILE B 287 -2.00 -15.94 -2.93
CA ILE B 287 -3.26 -16.69 -2.96
C ILE B 287 -3.17 -17.97 -2.14
N LYS B 288 -4.15 -18.16 -1.27
CA LYS B 288 -4.25 -19.37 -0.46
C LYS B 288 -5.63 -19.98 -0.67
N GLU B 289 -5.77 -21.29 -0.44
CA GLU B 289 -7.04 -21.95 -0.72
C GLU B 289 -7.34 -23.10 0.24
N THR B 290 -8.59 -23.53 0.22
CA THR B 290 -8.97 -24.78 0.86
C THR B 290 -10.23 -25.33 0.20
N ASN B 291 -10.35 -26.66 0.19
CA ASN B 291 -11.55 -27.31 -0.31
C ASN B 291 -12.29 -27.94 0.85
N ILE B 292 -13.58 -27.68 0.93
CA ILE B 292 -14.39 -28.12 2.07
C ILE B 292 -15.49 -29.02 1.55
N THR B 293 -15.38 -30.32 1.83
CA THR B 293 -16.38 -31.27 1.36
C THR B 293 -17.58 -31.27 2.31
N MET B 294 -18.77 -31.19 1.73
CA MET B 294 -19.98 -31.05 2.52
C MET B 294 -21.03 -32.08 2.12
N VAL B 295 -21.36 -32.97 3.04
CA VAL B 295 -22.46 -33.90 2.85
C VAL B 295 -23.67 -33.38 3.63
N PRO B 296 -24.82 -33.22 2.96
CA PRO B 296 -25.99 -32.67 3.62
C PRO B 296 -26.41 -33.54 4.80
N ALA B 297 -26.94 -32.91 5.85
CA ALA B 297 -27.43 -33.64 7.01
C ALA B 297 -28.59 -34.56 6.59
N PRO B 298 -28.62 -35.78 7.14
CA PRO B 298 -29.69 -36.73 6.83
C PRO B 298 -31.07 -36.13 7.09
N GLY B 299 -31.94 -36.20 6.08
CA GLY B 299 -33.32 -35.73 6.21
C GLY B 299 -33.51 -34.23 6.02
N SER B 300 -32.43 -33.52 5.71
CA SER B 300 -32.50 -32.07 5.57
C SER B 300 -33.00 -31.67 4.19
N LYS B 301 -33.38 -30.41 4.02
CA LYS B 301 -33.79 -29.93 2.71
C LYS B 301 -32.59 -29.95 1.76
N PHE B 302 -31.40 -29.78 2.33
CA PHE B 302 -30.17 -29.80 1.54
C PHE B 302 -29.94 -31.17 0.88
N GLU B 303 -30.19 -32.24 1.64
CA GLU B 303 -30.07 -33.61 1.13
C GLU B 303 -31.05 -33.82 -0.02
N GLU B 304 -32.26 -33.29 0.16
CA GLU B 304 -33.32 -33.40 -0.83
C GLU B 304 -32.95 -32.67 -2.12
N LEU B 305 -32.46 -31.44 -1.99
CA LEU B 305 -32.09 -30.62 -3.15
C LEU B 305 -31.01 -31.23 -4.04
N LEU B 306 -30.02 -31.88 -3.41
CA LEU B 306 -28.94 -32.53 -4.16
C LEU B 306 -29.44 -33.73 -4.97
N LYS B 307 -30.38 -34.48 -4.39
CA LYS B 307 -30.94 -35.65 -5.05
C LYS B 307 -31.97 -35.28 -6.12
N HIS B 308 -32.97 -34.50 -5.71
CA HIS B 308 -34.12 -34.20 -6.55
C HIS B 308 -33.80 -33.49 -7.87
N ARG B 309 -32.63 -32.86 -7.95
CA ARG B 309 -32.21 -32.19 -9.18
C ARG B 309 -30.70 -32.27 -9.40
N ALA B 310 -30.28 -33.27 -10.17
CA ALA B 310 -28.86 -33.46 -10.46
C ALA B 310 -28.39 -32.55 -11.60
N ALA B 311 -29.34 -32.06 -12.39
CA ALA B 311 -29.02 -31.19 -13.53
C ALA B 311 -29.57 -29.78 -13.33
N GLY B 323 -22.56 -12.75 -17.27
CA GLY B 323 -21.76 -13.42 -16.25
C GLY B 323 -20.31 -13.58 -16.63
N PRO B 324 -19.47 -12.60 -16.25
CA PRO B 324 -18.02 -12.66 -16.47
C PRO B 324 -17.38 -13.81 -15.70
N LEU B 325 -18.08 -14.30 -14.68
CA LEU B 325 -17.67 -15.49 -13.95
C LEU B 325 -18.84 -16.48 -13.94
N ALA B 326 -18.75 -17.51 -14.76
CA ALA B 326 -19.80 -18.52 -14.81
C ALA B 326 -19.55 -19.63 -13.80
N TRP B 327 -20.54 -19.87 -12.93
CA TRP B 327 -20.46 -20.94 -11.96
C TRP B 327 -20.60 -22.29 -12.68
N ASP B 328 -19.57 -23.12 -12.56
CA ASP B 328 -19.54 -24.40 -13.28
C ASP B 328 -20.57 -25.40 -12.76
N GLY B 329 -21.56 -24.91 -12.04
CA GLY B 329 -22.56 -25.77 -11.42
C GLY B 329 -22.06 -26.40 -10.14
N GLY B 330 -20.85 -26.03 -9.75
CA GLY B 330 -20.25 -26.49 -8.50
C GLY B 330 -19.48 -27.77 -8.61
N ALA B 331 -18.57 -28.00 -7.65
CA ALA B 331 -17.81 -29.24 -7.59
C ALA B 331 -18.58 -30.24 -6.73
N GLY B 332 -19.16 -31.25 -7.37
CA GLY B 332 -19.93 -32.25 -6.66
C GLY B 332 -19.20 -33.57 -6.54
N PHE B 333 -19.63 -34.40 -5.60
CA PHE B 333 -19.19 -35.78 -5.55
C PHE B 333 -20.34 -36.65 -5.08
N THR B 334 -20.32 -37.92 -5.47
CA THR B 334 -21.37 -38.82 -5.07
C THR B 334 -20.76 -40.17 -4.69
N SER B 335 -21.59 -41.09 -4.22
CA SER B 335 -21.14 -42.44 -3.93
C SER B 335 -22.12 -43.43 -4.52
N GLU B 336 -21.78 -44.71 -4.46
CA GLU B 336 -22.60 -45.76 -5.06
C GLU B 336 -24.02 -45.80 -4.50
N ASP B 337 -24.16 -45.56 -3.19
CA ASP B 337 -25.49 -45.57 -2.56
C ASP B 337 -26.26 -44.26 -2.74
N GLY B 338 -25.62 -43.27 -3.37
CA GLY B 338 -26.28 -42.02 -3.71
C GLY B 338 -26.08 -40.90 -2.69
N ARG B 339 -25.23 -41.13 -1.69
CA ARG B 339 -24.92 -40.07 -0.74
C ARG B 339 -24.03 -39.01 -1.40
N GLY B 340 -24.68 -38.03 -2.01
CA GLY B 340 -23.96 -36.97 -2.71
C GLY B 340 -23.48 -35.88 -1.77
N GLY B 341 -22.50 -35.12 -2.24
CA GLY B 341 -22.03 -33.95 -1.52
C GLY B 341 -21.53 -32.89 -2.49
N ILE B 342 -21.28 -31.70 -1.96
CA ILE B 342 -20.67 -30.64 -2.75
C ILE B 342 -19.36 -30.24 -2.08
N THR B 343 -18.36 -29.88 -2.88
CA THR B 343 -17.09 -29.41 -2.34
C THR B 343 -16.99 -27.90 -2.53
N LEU B 344 -16.92 -27.19 -1.40
CA LEU B 344 -16.84 -25.74 -1.43
C LEU B 344 -15.39 -25.34 -1.61
N ARG B 345 -15.11 -24.64 -2.70
CA ARG B 345 -13.74 -24.25 -3.04
C ARG B 345 -13.49 -22.80 -2.63
N VAL B 346 -12.58 -22.61 -1.68
CA VAL B 346 -12.40 -21.32 -1.03
C VAL B 346 -11.01 -20.73 -1.31
N ALA B 347 -10.96 -19.46 -1.67
CA ALA B 347 -9.67 -18.78 -1.87
C ALA B 347 -9.56 -17.47 -1.08
N VAL B 348 -8.34 -17.15 -0.65
CA VAL B 348 -8.04 -15.87 -0.02
C VAL B 348 -6.89 -15.21 -0.77
N ALA B 349 -7.11 -13.96 -1.18
CA ALA B 349 -6.09 -13.17 -1.87
C ALA B 349 -5.64 -12.02 -0.98
N ASN B 350 -4.32 -11.88 -0.82
CA ASN B 350 -3.76 -10.74 -0.12
C ASN B 350 -2.90 -9.95 -1.07
N GLY B 351 -3.19 -8.66 -1.19
CA GLY B 351 -2.55 -7.79 -2.16
C GLY B 351 -3.47 -7.62 -3.35
N LEU B 352 -3.77 -6.36 -3.69
CA LEU B 352 -4.68 -6.07 -4.80
C LEU B 352 -4.10 -6.49 -6.15
N GLY B 353 -2.78 -6.44 -6.29
CA GLY B 353 -2.12 -6.91 -7.50
C GLY B 353 -2.29 -8.41 -7.67
N ASN B 354 -2.07 -9.14 -6.58
CA ASN B 354 -2.29 -10.58 -6.54
C ASN B 354 -3.75 -10.95 -6.83
N ALA B 355 -4.66 -10.13 -6.32
CA ALA B 355 -6.10 -10.35 -6.53
C ALA B 355 -6.49 -10.15 -7.99
N LYS B 356 -5.85 -9.21 -8.65
CA LYS B 356 -6.10 -8.98 -10.07
C LYS B 356 -5.71 -10.20 -10.91
N LYS B 357 -4.60 -10.83 -10.54
CA LYS B 357 -4.13 -12.04 -11.23
C LYS B 357 -5.04 -13.24 -10.97
N LEU B 358 -5.61 -13.31 -9.78
CA LEU B 358 -6.58 -14.35 -9.46
C LEU B 358 -7.84 -14.15 -10.30
N ILE B 359 -8.35 -12.93 -10.33
CA ILE B 359 -9.55 -12.62 -11.11
C ILE B 359 -9.38 -13.00 -12.59
N THR B 360 -8.24 -12.65 -13.16
CA THR B 360 -7.92 -13.01 -14.55
C THR B 360 -8.00 -14.53 -14.77
N LYS B 361 -7.38 -15.31 -13.88
CA LYS B 361 -7.45 -16.76 -13.97
C LYS B 361 -8.89 -17.26 -13.81
N MET B 362 -9.63 -16.66 -12.89
CA MET B 362 -11.03 -17.04 -12.68
C MET B 362 -11.86 -16.79 -13.93
N GLN B 363 -11.66 -15.62 -14.54
CA GLN B 363 -12.35 -15.28 -15.79
C GLN B 363 -11.95 -16.22 -16.92
N ALA B 364 -10.70 -16.68 -16.91
CA ALA B 364 -10.23 -17.65 -17.90
C ALA B 364 -10.76 -19.06 -17.62
N GLY B 365 -11.19 -19.28 -16.37
CA GLY B 365 -11.69 -20.59 -15.97
C GLY B 365 -10.57 -21.51 -15.50
N GLU B 366 -9.37 -20.94 -15.39
CA GLU B 366 -8.20 -21.68 -14.89
C GLU B 366 -8.20 -21.77 -13.37
N ALA B 367 -8.95 -20.88 -12.73
CA ALA B 367 -9.11 -20.93 -11.28
C ALA B 367 -10.58 -21.09 -10.97
N LYS B 368 -10.92 -22.14 -10.21
CA LYS B 368 -12.31 -22.44 -9.92
C LYS B 368 -12.57 -22.32 -8.41
N TYR B 369 -13.28 -21.27 -8.02
CA TYR B 369 -13.59 -21.05 -6.61
C TYR B 369 -15.04 -20.63 -6.42
N ASP B 370 -15.58 -20.92 -5.23
CA ASP B 370 -16.97 -20.63 -4.90
C ASP B 370 -17.11 -19.45 -3.94
N PHE B 371 -16.07 -19.18 -3.16
CA PHE B 371 -16.10 -18.17 -2.11
C PHE B 371 -14.70 -17.57 -2.00
N VAL B 372 -14.59 -16.25 -2.16
CA VAL B 372 -13.28 -15.59 -2.30
C VAL B 372 -13.16 -14.36 -1.43
N GLU B 373 -12.13 -14.33 -0.60
CA GLU B 373 -11.86 -13.18 0.22
C GLU B 373 -10.65 -12.41 -0.31
N ILE B 374 -10.86 -11.12 -0.56
CA ILE B 374 -9.81 -10.26 -1.07
C ILE B 374 -9.48 -9.17 -0.05
N MET B 375 -8.22 -9.14 0.35
CA MET B 375 -7.70 -8.16 1.30
C MET B 375 -6.62 -7.34 0.58
N ALA B 376 -6.72 -6.01 0.67
CA ALA B 376 -5.75 -5.14 -0.01
C ALA B 376 -4.33 -5.24 0.55
N CYS B 377 -4.22 -5.47 1.86
CA CYS B 377 -2.90 -5.55 2.48
C CYS B 377 -2.29 -6.96 2.39
N PRO B 378 -1.03 -7.04 1.95
CA PRO B 378 -0.29 -8.30 1.86
C PRO B 378 -0.40 -9.16 3.11
N ALA B 379 -0.31 -8.54 4.28
CA ALA B 379 -0.35 -9.30 5.53
C ALA B 379 -1.71 -9.25 6.22
N GLY B 380 -2.71 -8.73 5.52
CA GLY B 380 -4.03 -8.55 6.12
C GLY B 380 -4.03 -7.36 7.08
N CYS B 381 -5.10 -7.23 7.86
CA CYS B 381 -5.27 -6.04 8.68
C CYS B 381 -4.17 -5.78 9.70
N VAL B 382 -3.54 -6.83 10.24
CA VAL B 382 -2.45 -6.64 11.20
C VAL B 382 -1.30 -5.88 10.56
N GLY B 383 -1.23 -5.89 9.23
CA GLY B 383 -0.23 -5.12 8.50
C GLY B 383 -0.78 -3.93 7.74
N GLY B 384 -1.89 -3.36 8.23
CA GLY B 384 -2.54 -2.22 7.59
C GLY B 384 -1.71 -0.94 7.59
N GLY B 385 -2.07 -0.01 6.71
CA GLY B 385 -1.30 1.23 6.53
C GLY B 385 -1.33 2.20 7.70
N GLY B 386 -2.23 1.98 8.66
CA GLY B 386 -2.30 2.82 9.85
C GLY B 386 -1.56 2.20 11.03
N GLN B 387 -0.84 1.11 10.78
CA GLN B 387 -0.12 0.42 11.86
C GLN B 387 1.27 1.05 12.07
N PRO B 388 1.85 0.87 13.28
CA PRO B 388 3.21 1.32 13.55
C PRO B 388 4.21 0.73 12.55
N ARG B 389 5.28 1.47 12.27
CA ARG B 389 6.33 0.98 11.37
C ARG B 389 7.44 0.30 12.16
N SER B 390 7.83 -0.90 11.75
CA SER B 390 8.86 -1.67 12.46
C SER B 390 10.01 -2.06 11.53
N THR B 391 11.20 -2.25 12.11
CA THR B 391 12.34 -2.77 11.34
C THR B 391 12.29 -4.30 11.32
N ASP B 392 11.45 -4.87 12.18
CA ASP B 392 11.28 -6.32 12.25
C ASP B 392 10.48 -6.80 11.03
N LYS B 393 11.13 -7.60 10.17
CA LYS B 393 10.46 -8.11 8.97
C LYS B 393 9.31 -9.06 9.32
N ALA B 394 9.34 -9.62 10.53
CA ALA B 394 8.31 -10.54 10.99
C ALA B 394 7.28 -9.90 11.94
N ILE B 395 7.20 -8.58 11.96
CA ILE B 395 6.30 -7.91 12.90
C ILE B 395 4.85 -8.39 12.77
N THR B 396 4.38 -8.58 11.53
CA THR B 396 2.99 -9.00 11.32
C THR B 396 2.74 -10.41 11.85
N GLN B 397 3.75 -11.26 11.76
CA GLN B 397 3.68 -12.61 12.34
C GLN B 397 3.52 -12.52 13.86
N LYS B 398 4.28 -11.64 14.48
CA LYS B 398 4.21 -11.41 15.92
C LYS B 398 2.86 -10.83 16.34
N ARG B 399 2.35 -9.89 15.55
CA ARG B 399 1.04 -9.30 15.79
C ARG B 399 -0.09 -10.34 15.71
N GLN B 400 -0.02 -11.20 14.69
CA GLN B 400 -1.01 -12.26 14.51
C GLN B 400 -0.97 -13.22 15.70
N ALA B 401 0.22 -13.65 16.10
CA ALA B 401 0.38 -14.59 17.20
C ALA B 401 -0.09 -14.03 18.53
N ALA B 402 -0.02 -12.71 18.68
CA ALA B 402 -0.43 -12.08 19.92
C ALA B 402 -1.89 -11.61 19.91
N LEU B 403 -2.58 -11.81 18.79
CA LEU B 403 -3.99 -11.39 18.70
C LEU B 403 -4.85 -11.99 19.80
N TYR B 404 -4.62 -13.26 20.11
CA TYR B 404 -5.39 -13.94 21.15
C TYR B 404 -4.50 -14.82 22.03
N ASN B 405 -4.81 -14.89 23.32
CA ASN B 405 -4.07 -15.75 24.23
C ASN B 405 -4.30 -17.22 23.88
N LEU B 406 -3.39 -18.08 24.32
CA LEU B 406 -3.53 -19.52 24.06
C LEU B 406 -4.86 -20.05 24.58
N ASP B 407 -5.33 -19.46 25.67
CA ASP B 407 -6.59 -19.86 26.30
C ASP B 407 -7.79 -19.65 25.39
N GLU B 408 -7.91 -18.45 24.82
CA GLU B 408 -9.00 -18.13 23.91
C GLU B 408 -8.81 -18.84 22.57
N LYS B 409 -7.55 -19.05 22.21
CA LYS B 409 -7.18 -19.68 20.94
C LYS B 409 -7.72 -21.10 20.84
N SER B 410 -7.80 -21.78 21.98
CA SER B 410 -8.16 -23.18 22.03
C SER B 410 -9.68 -23.37 22.05
N THR B 411 -10.41 -22.27 22.24
CA THR B 411 -11.87 -22.31 22.35
C THR B 411 -12.54 -21.70 21.13
N LEU B 412 -13.31 -22.50 20.42
CA LEU B 412 -14.04 -22.02 19.25
C LEU B 412 -15.36 -21.38 19.67
N ARG B 413 -15.54 -20.10 19.29
CA ARG B 413 -16.78 -19.32 19.50
C ARG B 413 -17.64 -19.37 18.25
N ARG B 414 -18.97 -19.42 18.43
CA ARG B 414 -19.91 -19.32 17.32
C ARG B 414 -20.84 -18.11 17.53
N SER B 415 -20.84 -17.19 16.57
CA SER B 415 -21.59 -15.95 16.71
C SER B 415 -23.07 -16.17 17.06
N HIS B 416 -23.71 -17.16 16.44
CA HIS B 416 -25.15 -17.39 16.65
C HIS B 416 -25.51 -17.82 18.09
N GLU B 417 -24.49 -18.23 18.85
CA GLU B 417 -24.68 -18.65 20.24
C GLU B 417 -24.52 -17.50 21.24
N ASN B 418 -24.13 -16.33 20.75
CA ASN B 418 -23.95 -15.15 21.58
C ASN B 418 -25.30 -14.60 22.03
N PRO B 419 -25.58 -14.65 23.36
CA PRO B 419 -26.87 -14.18 23.89
C PRO B 419 -27.22 -12.75 23.50
N SER B 420 -26.21 -11.89 23.40
CA SER B 420 -26.44 -10.51 22.99
C SER B 420 -26.91 -10.43 21.54
N ILE B 421 -26.34 -11.27 20.68
CA ILE B 421 -26.73 -11.34 19.27
C ILE B 421 -28.12 -11.94 19.13
N ARG B 422 -28.37 -13.05 19.83
CA ARG B 422 -29.69 -13.65 19.84
C ARG B 422 -30.78 -12.64 20.22
N GLU B 423 -30.55 -11.92 21.31
CA GLU B 423 -31.50 -10.90 21.78
C GLU B 423 -31.72 -9.80 20.73
N LEU B 424 -30.64 -9.30 20.13
CA LEU B 424 -30.75 -8.26 19.10
C LEU B 424 -31.63 -8.70 17.94
N TYR B 425 -31.44 -9.93 17.45
CA TYR B 425 -32.28 -10.43 16.35
C TYR B 425 -33.71 -10.70 16.83
N ASP B 426 -33.85 -11.36 17.97
CA ASP B 426 -35.18 -11.72 18.50
C ASP B 426 -36.05 -10.50 18.75
N THR B 427 -35.46 -9.44 19.30
CA THR B 427 -36.24 -8.29 19.77
C THR B 427 -36.17 -7.05 18.86
N TYR B 428 -35.31 -7.08 17.85
CA TYR B 428 -35.13 -5.87 17.05
C TYR B 428 -34.95 -6.13 15.55
N LEU B 429 -33.94 -6.91 15.18
CA LEU B 429 -33.60 -7.07 13.76
C LEU B 429 -34.53 -7.99 12.98
N GLY B 430 -35.05 -9.00 13.65
CA GLY B 430 -35.84 -10.03 12.97
C GLY B 430 -34.95 -11.18 12.56
N GLU B 431 -34.92 -11.48 11.26
CA GLU B 431 -34.11 -12.57 10.75
C GLU B 431 -32.92 -12.05 9.95
N PRO B 432 -31.79 -12.79 9.99
CA PRO B 432 -30.70 -12.45 9.09
C PRO B 432 -31.19 -12.33 7.66
N LEU B 433 -30.72 -11.33 6.93
CA LEU B 433 -31.13 -11.08 5.54
C LEU B 433 -32.55 -10.52 5.42
N GLY B 434 -33.25 -10.37 6.53
CA GLY B 434 -34.61 -9.81 6.50
C GLY B 434 -34.61 -8.33 6.18
N HIS B 435 -35.78 -7.71 6.16
CA HIS B 435 -35.90 -6.31 5.77
C HIS B 435 -35.10 -5.35 6.66
N LYS B 436 -35.24 -5.52 7.97
CA LYS B 436 -34.55 -4.66 8.93
C LYS B 436 -33.05 -4.91 8.89
N ALA B 437 -32.67 -6.18 8.85
CA ALA B 437 -31.26 -6.56 8.76
C ALA B 437 -30.65 -6.00 7.48
N HIS B 438 -31.41 -6.07 6.40
CA HIS B 438 -30.94 -5.55 5.12
C HIS B 438 -30.76 -4.03 5.18
N GLU B 439 -31.72 -3.35 5.81
CA GLU B 439 -31.71 -1.90 5.91
C GLU B 439 -30.51 -1.37 6.71
N LEU B 440 -30.21 -2.02 7.83
CA LEU B 440 -29.17 -1.56 8.72
C LEU B 440 -27.79 -2.15 8.43
N LEU B 441 -27.76 -3.41 8.01
CA LEU B 441 -26.53 -4.17 7.97
C LEU B 441 -26.02 -4.49 6.57
N HIS B 442 -26.84 -4.20 5.56
CA HIS B 442 -26.43 -4.47 4.18
C HIS B 442 -26.27 -3.21 3.35
N THR B 443 -25.69 -3.36 2.16
CA THR B 443 -25.29 -2.21 1.35
C THR B 443 -25.32 -2.56 -0.14
N HIS B 444 -24.83 -1.66 -0.97
CA HIS B 444 -24.81 -1.86 -2.40
C HIS B 444 -23.53 -1.25 -2.95
N TYR B 445 -23.27 -1.44 -4.24
CA TYR B 445 -22.06 -0.95 -4.87
C TYR B 445 -22.36 -0.13 -6.11
N VAL B 446 -21.44 0.77 -6.45
CA VAL B 446 -21.67 1.75 -7.51
C VAL B 446 -20.61 1.60 -8.59
N ALA B 447 -21.05 1.16 -9.77
CA ALA B 447 -20.14 0.96 -10.90
C ALA B 447 -19.48 2.29 -11.24
N GLY B 448 -18.15 2.28 -11.31
CA GLY B 448 -17.39 3.50 -11.52
C GLY B 448 -16.80 4.08 -10.25
N GLY B 449 -17.38 3.69 -9.10
CA GLY B 449 -16.87 4.15 -7.81
C GLY B 449 -17.59 5.37 -7.26
N VAL B 450 -17.19 5.80 -6.07
CA VAL B 450 -17.81 6.97 -5.45
C VAL B 450 -16.81 8.10 -5.22
FE1 SF4 C . 16.05 16.35 -15.37
FE2 SF4 C . 14.21 16.90 -17.35
FE3 SF4 C . 15.91 14.86 -17.62
FE4 SF4 C . 13.91 14.66 -15.78
S1 SF4 C . 13.65 14.79 -18.07
S2 SF4 C . 16.11 14.06 -15.45
S3 SF4 C . 13.82 16.86 -15.08
S4 SF4 C . 16.49 17.08 -17.52
CL CL D . 17.07 7.79 -14.00
C ACT E . 14.96 11.82 -12.46
O ACT E . 15.25 11.05 -13.41
OXT ACT E . 14.33 11.33 -11.49
CH3 ACT E . 15.36 13.26 -12.48
FE1 SF4 F . -7.74 -1.98 5.52
FE2 SF4 F . -8.18 -3.95 3.71
FE3 SF4 F . -5.63 -3.43 4.65
FE4 SF4 F . -7.51 -4.59 6.29
S1 SF4 F . -6.60 -5.49 4.39
S2 SF4 F . -6.07 -2.88 6.83
S3 SF4 F . -9.44 -3.55 5.57
S4 SF4 F . -6.94 -2.04 3.37
CL CL G . -14.32 -3.41 9.91
C ACT H . -11.52 -6.45 7.47
O ACT H . -11.85 -7.59 7.89
OXT ACT H . -11.62 -5.50 8.28
CH3 ACT H . -11.04 -6.24 6.07
#